data_1O6P
#
_entry.id   1O6P
#
_cell.length_a   125.820
_cell.length_b   67.030
_cell.length_c   129.260
_cell.angle_alpha   90.00
_cell.angle_beta   98.99
_cell.angle_gamma   90.00
#
_symmetry.space_group_name_H-M   'P 1 21 1'
#
loop_
_entity.id
_entity.type
_entity.pdbx_description
1 polymer 'IMPORTIN BETA-1 SUBUNIT'
2 polymer 'SYNTHETIC GLFG PEPTIDE'
3 water water
#
loop_
_entity_poly.entity_id
_entity_poly.type
_entity_poly.pdbx_seq_one_letter_code
_entity_poly.pdbx_strand_id
1 'polypeptide(L)'
;MELITILEKTVSPDRLELEAAQKFLERAAVENLPTFLVELSRVLANPGNSQVARVAAGLQIKNSLTSKDPDIKAQYQQRW
LAIDANARREVKNYVLHTLGTETYRPSSASQCVAGIACAEIPVNQWPELIPQLVANVTNPNSTEHMKESTLEAIGYICQD
IDPEQLQDKSNEILTAIIQGMRKEEPSNNVKLAATNALLNSLEFTKANFDKESERHFIMQVVCEATQCPDTRVRVAALQN
LVKIMSLYYQYMETYMGPALFAITIEAMKSDIDEVALQGIEFWSNVCDEEMDLAIEASEAAEQGRPPEHTSKFYAKGALQ
YLVPILTQTLTKQDENDDDDDWNPCKAAGVCLMLLATCCEDDIVPHVLPFIKEHIKNPDWRYRDAAVMAFGCILEGPEPS
QLKPLVIQAMPTLIELMKDPSVVVRDTAAWTVGRICELLPEA
;
A,B
2 'polypeptide(L)' DSGGLFGSK C,D,E,F
#
# COMPACT_ATOMS: atom_id res chain seq x y z
N MET A 1 -38.81 -7.22 71.70
CA MET A 1 -40.29 -7.45 71.84
C MET A 1 -40.91 -6.28 72.63
N GLU A 2 -40.70 -5.08 72.08
CA GLU A 2 -41.16 -3.83 72.66
C GLU A 2 -42.51 -3.36 72.11
N LEU A 3 -42.56 -2.06 71.78
CA LEU A 3 -43.73 -1.39 71.25
C LEU A 3 -43.63 -1.47 69.75
N ILE A 4 -42.44 -1.16 69.21
CA ILE A 4 -42.22 -1.23 67.77
C ILE A 4 -42.67 -2.61 67.33
N THR A 5 -42.29 -3.60 68.13
CA THR A 5 -42.63 -5.00 67.92
C THR A 5 -44.12 -5.28 67.94
N ILE A 6 -44.84 -4.76 68.94
CA ILE A 6 -46.28 -4.97 68.98
C ILE A 6 -46.93 -4.31 67.76
N LEU A 7 -46.52 -3.08 67.45
CA LEU A 7 -47.07 -2.33 66.34
C LEU A 7 -46.92 -3.07 64.99
N GLU A 8 -45.73 -3.55 64.69
CA GLU A 8 -45.52 -4.27 63.45
C GLU A 8 -46.41 -5.50 63.40
N LYS A 9 -46.72 -6.11 64.53
CA LYS A 9 -47.57 -7.30 64.51
C LYS A 9 -49.04 -6.95 64.23
N THR A 10 -49.34 -5.67 64.03
CA THR A 10 -50.70 -5.24 63.74
C THR A 10 -51.01 -5.41 62.25
N VAL A 11 -50.00 -5.84 61.49
CA VAL A 11 -50.14 -6.04 60.06
C VAL A 11 -49.69 -7.46 59.69
N SER A 12 -49.23 -8.20 60.70
CA SER A 12 -48.82 -9.60 60.52
C SER A 12 -49.99 -10.38 59.97
N PRO A 13 -49.76 -11.23 58.95
CA PRO A 13 -50.83 -12.04 58.34
C PRO A 13 -51.45 -13.04 59.35
N ASP A 14 -50.63 -13.48 60.31
CA ASP A 14 -51.02 -14.42 61.36
C ASP A 14 -52.16 -13.87 62.19
N ARG A 15 -53.34 -14.46 62.02
CA ARG A 15 -54.56 -14.05 62.70
C ARG A 15 -54.40 -13.99 64.23
N LEU A 16 -53.78 -15.01 64.81
CA LEU A 16 -53.57 -15.05 66.26
C LEU A 16 -52.69 -13.88 66.67
N GLU A 17 -51.55 -13.73 66.01
CA GLU A 17 -50.59 -12.66 66.28
C GLU A 17 -51.18 -11.25 66.16
N LEU A 18 -52.26 -11.10 65.39
CA LEU A 18 -52.90 -9.81 65.20
C LEU A 18 -53.80 -9.53 66.34
N GLU A 19 -54.77 -10.40 66.61
CA GLU A 19 -55.67 -10.20 67.73
C GLU A 19 -54.83 -9.98 69.02
N ALA A 20 -53.66 -10.61 69.09
CA ALA A 20 -52.75 -10.45 70.23
C ALA A 20 -52.31 -8.99 70.34
N ALA A 21 -51.52 -8.55 69.35
CA ALA A 21 -51.04 -7.17 69.32
C ALA A 21 -52.18 -6.18 69.54
N GLN A 22 -53.35 -6.48 68.98
CA GLN A 22 -54.52 -5.61 69.11
C GLN A 22 -55.01 -5.48 70.54
N LYS A 23 -55.04 -6.59 71.27
CA LYS A 23 -55.48 -6.58 72.66
C LYS A 23 -54.50 -5.75 73.47
N PHE A 24 -53.20 -6.00 73.28
CA PHE A 24 -52.19 -5.25 74.01
C PHE A 24 -52.45 -3.75 73.89
N LEU A 25 -52.49 -3.28 72.64
CA LEU A 25 -52.71 -1.88 72.36
C LEU A 25 -54.00 -1.33 72.93
N GLU A 26 -55.00 -2.16 73.09
CA GLU A 26 -56.27 -1.67 73.63
C GLU A 26 -56.18 -1.37 75.11
N ARG A 27 -55.62 -2.30 75.88
CA ARG A 27 -55.47 -2.07 77.31
C ARG A 27 -54.50 -0.92 77.55
N ALA A 28 -53.50 -0.81 76.69
CA ALA A 28 -52.51 0.26 76.80
C ALA A 28 -53.20 1.60 76.72
N ALA A 29 -54.25 1.69 75.92
CA ALA A 29 -54.98 2.94 75.76
C ALA A 29 -55.90 3.12 76.94
N VAL A 30 -56.29 2.01 77.55
CA VAL A 30 -57.15 2.04 78.71
C VAL A 30 -56.44 2.26 80.04
N GLU A 31 -55.44 1.44 80.33
CA GLU A 31 -54.70 1.51 81.58
C GLU A 31 -53.45 2.40 81.56
N ASN A 32 -53.05 2.90 80.40
CA ASN A 32 -51.84 3.69 80.38
C ASN A 32 -51.83 4.78 79.30
N LEU A 33 -52.99 5.38 79.07
CA LEU A 33 -53.15 6.35 78.00
C LEU A 33 -52.13 7.46 77.80
N PRO A 34 -51.79 8.21 78.85
CA PRO A 34 -50.80 9.28 78.67
C PRO A 34 -49.43 8.81 78.18
N THR A 35 -48.94 7.75 78.81
CA THR A 35 -47.63 7.23 78.48
C THR A 35 -47.66 6.61 77.09
N PHE A 36 -48.66 5.79 76.89
CA PHE A 36 -48.83 5.15 75.63
C PHE A 36 -48.73 6.13 74.46
N LEU A 37 -49.39 7.28 74.60
CA LEU A 37 -49.41 8.27 73.52
C LEU A 37 -48.06 8.89 73.32
N VAL A 38 -47.37 9.22 74.40
CA VAL A 38 -46.05 9.82 74.27
C VAL A 38 -45.08 8.83 73.60
N GLU A 39 -45.28 7.54 73.84
CA GLU A 39 -44.41 6.50 73.28
C GLU A 39 -44.64 6.34 71.79
N LEU A 40 -45.91 6.29 71.43
CA LEU A 40 -46.31 6.17 70.04
C LEU A 40 -45.80 7.37 69.23
N SER A 41 -45.93 8.58 69.80
CA SER A 41 -45.48 9.78 69.12
C SER A 41 -43.96 9.74 68.98
N ARG A 42 -43.30 9.09 69.92
CA ARG A 42 -41.85 8.97 69.88
C ARG A 42 -41.46 8.03 68.75
N VAL A 43 -42.23 6.95 68.57
CA VAL A 43 -41.96 6.00 67.50
C VAL A 43 -42.16 6.77 66.20
N LEU A 44 -43.37 7.28 66.00
CA LEU A 44 -43.70 8.07 64.80
C LEU A 44 -42.67 9.14 64.49
N ALA A 45 -42.17 9.79 65.52
CA ALA A 45 -41.21 10.86 65.32
C ALA A 45 -39.82 10.41 64.88
N ASN A 46 -39.48 9.14 65.11
CA ASN A 46 -38.16 8.68 64.75
C ASN A 46 -38.02 8.12 63.33
N PRO A 47 -37.32 8.87 62.46
CA PRO A 47 -37.11 8.49 61.05
C PRO A 47 -36.29 7.24 60.93
N GLY A 48 -35.92 6.68 62.08
CA GLY A 48 -35.14 5.46 62.08
C GLY A 48 -36.02 4.24 62.12
N ASN A 49 -37.31 4.42 62.33
CA ASN A 49 -38.20 3.27 62.40
C ASN A 49 -38.73 2.85 61.03
N SER A 50 -39.33 1.66 60.97
CA SER A 50 -39.87 1.13 59.72
C SER A 50 -41.10 1.91 59.33
N GLN A 51 -41.43 1.89 58.05
CA GLN A 51 -42.62 2.60 57.62
C GLN A 51 -43.76 1.88 58.32
N VAL A 52 -43.66 0.56 58.38
CA VAL A 52 -44.67 -0.27 59.01
C VAL A 52 -44.96 0.21 60.43
N ALA A 53 -43.89 0.42 61.19
CA ALA A 53 -43.98 0.88 62.57
C ALA A 53 -44.55 2.29 62.68
N ARG A 54 -43.90 3.25 62.02
CA ARG A 54 -44.34 4.63 62.05
C ARG A 54 -45.82 4.75 61.69
N VAL A 55 -46.18 4.29 60.51
CA VAL A 55 -47.58 4.35 60.09
C VAL A 55 -48.52 3.74 61.16
N ALA A 56 -48.10 2.63 61.77
CA ALA A 56 -48.88 1.94 62.82
C ALA A 56 -48.97 2.81 64.06
N ALA A 57 -47.84 3.40 64.42
CA ALA A 57 -47.80 4.28 65.57
C ALA A 57 -48.79 5.41 65.28
N GLY A 58 -48.67 6.01 64.12
CA GLY A 58 -49.54 7.11 63.76
C GLY A 58 -50.99 6.70 63.79
N LEU A 59 -51.32 5.52 63.29
CA LEU A 59 -52.71 5.11 63.26
C LEU A 59 -53.29 4.97 64.67
N GLN A 60 -52.48 4.51 65.63
CA GLN A 60 -52.90 4.33 67.02
C GLN A 60 -53.22 5.67 67.67
N ILE A 61 -52.34 6.65 67.42
CA ILE A 61 -52.51 8.01 67.94
C ILE A 61 -53.80 8.60 67.39
N LYS A 62 -53.92 8.61 66.07
CA LYS A 62 -55.09 9.16 65.44
C LYS A 62 -56.35 8.45 65.93
N ASN A 63 -56.25 7.17 66.24
CA ASN A 63 -57.43 6.41 66.68
C ASN A 63 -57.90 6.76 68.07
N SER A 64 -57.02 7.36 68.86
CA SER A 64 -57.38 7.73 70.22
C SER A 64 -57.75 9.19 70.29
N LEU A 65 -57.95 9.80 69.12
CA LEU A 65 -58.31 11.21 69.06
C LEU A 65 -59.54 11.50 68.23
N THR A 66 -60.00 10.50 67.48
CA THR A 66 -61.17 10.73 66.65
C THR A 66 -61.86 9.47 66.19
N SER A 67 -63.14 9.61 65.86
CA SER A 67 -63.96 8.51 65.38
C SER A 67 -64.97 9.10 64.40
N LYS A 68 -65.57 8.27 63.56
CA LYS A 68 -66.56 8.78 62.62
C LYS A 68 -67.89 9.01 63.32
N ASP A 69 -68.04 8.40 64.49
CA ASP A 69 -69.25 8.58 65.27
C ASP A 69 -69.08 9.81 66.14
N PRO A 70 -69.84 10.88 65.82
CA PRO A 70 -69.78 12.14 66.55
C PRO A 70 -69.73 11.96 68.05
N ASP A 71 -70.49 11.00 68.56
CA ASP A 71 -70.51 10.75 69.98
C ASP A 71 -69.17 10.21 70.48
N ILE A 72 -68.68 9.16 69.86
CA ILE A 72 -67.39 8.62 70.25
C ILE A 72 -66.32 9.70 70.15
N LYS A 73 -66.27 10.37 69.00
CA LYS A 73 -65.30 11.43 68.74
C LYS A 73 -65.32 12.47 69.87
N ALA A 74 -66.52 12.87 70.28
CA ALA A 74 -66.66 13.85 71.34
C ALA A 74 -65.96 13.31 72.56
N GLN A 75 -66.27 12.07 72.89
CA GLN A 75 -65.70 11.40 74.03
C GLN A 75 -64.17 11.38 74.00
N TYR A 76 -63.59 11.11 72.83
CA TYR A 76 -62.15 11.05 72.70
C TYR A 76 -61.51 12.40 72.87
N GLN A 77 -62.09 13.41 72.23
CA GLN A 77 -61.55 14.76 72.32
C GLN A 77 -61.50 15.25 73.76
N GLN A 78 -62.52 14.88 74.52
CA GLN A 78 -62.58 15.25 75.93
C GLN A 78 -61.47 14.50 76.67
N ARG A 79 -61.46 13.17 76.51
CA ARG A 79 -60.43 12.37 77.15
C ARG A 79 -59.03 12.95 76.94
N TRP A 80 -58.79 13.46 75.75
CA TRP A 80 -57.50 14.04 75.45
C TRP A 80 -57.26 15.34 76.21
N LEU A 81 -58.26 16.20 76.25
CA LEU A 81 -58.14 17.48 76.95
C LEU A 81 -57.93 17.27 78.44
N ALA A 82 -58.48 16.15 78.95
CA ALA A 82 -58.41 15.81 80.36
C ALA A 82 -57.06 15.26 80.74
N ILE A 83 -56.24 14.97 79.74
CA ILE A 83 -54.90 14.44 79.96
C ILE A 83 -53.97 15.57 80.41
N ASP A 84 -52.95 15.21 81.21
CA ASP A 84 -51.97 16.17 81.70
C ASP A 84 -51.51 17.07 80.56
N ALA A 85 -51.51 18.38 80.79
CA ALA A 85 -51.10 19.34 79.78
C ALA A 85 -49.67 19.14 79.36
N ASN A 86 -48.83 18.66 80.27
CA ASN A 86 -47.43 18.45 79.92
C ASN A 86 -47.25 17.20 79.06
N ALA A 87 -48.03 16.15 79.31
CA ALA A 87 -47.93 14.94 78.50
C ALA A 87 -48.32 15.36 77.08
N ARG A 88 -49.49 16.02 76.95
CA ARG A 88 -49.98 16.49 75.67
C ARG A 88 -48.96 17.42 75.01
N ARG A 89 -48.33 18.27 75.79
CA ARG A 89 -47.37 19.17 75.19
C ARG A 89 -46.22 18.38 74.59
N GLU A 90 -46.02 17.16 75.08
CA GLU A 90 -44.93 16.34 74.57
C GLU A 90 -45.36 15.57 73.32
N VAL A 91 -46.57 15.01 73.35
CA VAL A 91 -47.11 14.30 72.20
C VAL A 91 -47.19 15.30 71.04
N LYS A 92 -47.70 16.49 71.33
CA LYS A 92 -47.82 17.53 70.31
C LYS A 92 -46.45 17.85 69.73
N ASN A 93 -45.49 18.02 70.62
CA ASN A 93 -44.15 18.33 70.19
C ASN A 93 -43.63 17.23 69.25
N TYR A 94 -43.73 15.95 69.64
CA TYR A 94 -43.22 14.87 68.79
C TYR A 94 -43.95 14.74 67.45
N VAL A 95 -45.29 14.74 67.51
CA VAL A 95 -46.10 14.63 66.32
C VAL A 95 -45.65 15.69 65.33
N LEU A 96 -45.47 16.90 65.83
CA LEU A 96 -45.04 18.01 64.98
C LEU A 96 -43.63 17.79 64.44
N HIS A 97 -42.65 17.53 65.32
CA HIS A 97 -41.28 17.26 64.87
C HIS A 97 -41.19 16.20 63.78
N THR A 98 -42.25 15.39 63.64
CA THR A 98 -42.24 14.36 62.61
C THR A 98 -42.27 14.94 61.19
N LEU A 99 -43.17 15.90 60.98
CA LEU A 99 -43.32 16.54 59.67
C LEU A 99 -42.02 16.82 58.93
N GLY A 100 -41.89 16.24 57.74
CA GLY A 100 -40.71 16.44 56.92
C GLY A 100 -39.66 15.35 57.06
N THR A 101 -39.93 14.36 57.92
CA THR A 101 -39.00 13.26 58.18
C THR A 101 -39.49 11.91 57.72
N GLU A 102 -40.65 11.91 57.07
CA GLU A 102 -41.26 10.68 56.56
C GLU A 102 -40.96 10.52 55.08
N THR A 103 -40.65 9.31 54.67
CA THR A 103 -40.34 9.02 53.28
C THR A 103 -41.53 8.43 52.57
N TYR A 104 -42.39 7.74 53.31
CA TYR A 104 -43.60 7.14 52.76
C TYR A 104 -44.68 8.21 52.54
N ARG A 105 -45.78 7.80 51.91
CA ARG A 105 -46.88 8.69 51.63
C ARG A 105 -48.20 7.92 51.80
N PRO A 106 -49.24 8.57 52.31
CA PRO A 106 -49.24 9.96 52.76
C PRO A 106 -48.52 10.05 54.11
N SER A 107 -48.62 11.23 54.72
CA SER A 107 -48.02 11.46 56.02
C SER A 107 -48.93 10.87 57.10
N SER A 108 -48.32 10.19 58.07
CA SER A 108 -49.04 9.59 59.18
C SER A 108 -49.10 10.61 60.36
N ALA A 109 -48.28 11.66 60.28
CA ALA A 109 -48.26 12.69 61.31
C ALA A 109 -49.42 13.69 61.12
N SER A 110 -49.63 14.15 59.89
CA SER A 110 -50.70 15.10 59.58
C SER A 110 -52.06 14.64 60.11
N GLN A 111 -52.29 13.34 60.10
CA GLN A 111 -53.55 12.80 60.60
C GLN A 111 -53.66 12.97 62.13
N CYS A 112 -52.50 13.03 62.79
CA CYS A 112 -52.44 13.18 64.24
C CYS A 112 -52.53 14.65 64.60
N VAL A 113 -51.85 15.50 63.81
CA VAL A 113 -51.92 16.94 64.04
C VAL A 113 -53.38 17.35 63.87
N ALA A 114 -54.00 16.87 62.82
CA ALA A 114 -55.39 17.19 62.58
C ALA A 114 -56.28 16.64 63.69
N GLY A 115 -55.84 15.56 64.34
CA GLY A 115 -56.61 14.94 65.40
C GLY A 115 -56.64 15.70 66.71
N ILE A 116 -55.44 16.08 67.14
CA ILE A 116 -55.22 16.83 68.36
C ILE A 116 -55.79 18.23 68.17
N ALA A 117 -55.47 18.86 67.04
CA ALA A 117 -55.94 20.21 66.75
C ALA A 117 -57.48 20.31 66.78
N CYS A 118 -58.17 19.35 66.20
CA CYS A 118 -59.62 19.43 66.22
C CYS A 118 -60.19 19.47 67.62
N ALA A 119 -59.41 19.00 68.59
CA ALA A 119 -59.86 18.99 69.96
C ALA A 119 -59.33 20.20 70.71
N GLU A 120 -58.11 20.62 70.37
CA GLU A 120 -57.48 21.72 71.06
C GLU A 120 -57.68 23.12 70.51
N ILE A 121 -57.84 23.24 69.19
CA ILE A 121 -58.01 24.57 68.61
C ILE A 121 -59.28 25.25 69.06
N PRO A 122 -60.41 24.51 69.09
CA PRO A 122 -61.64 25.14 69.52
C PRO A 122 -61.64 25.53 70.98
N VAL A 123 -60.48 25.50 71.62
CA VAL A 123 -60.38 25.86 73.03
C VAL A 123 -59.09 26.63 73.31
N ASN A 124 -58.50 27.19 72.27
CA ASN A 124 -57.25 27.99 72.37
C ASN A 124 -56.19 27.24 73.10
N GLN A 125 -56.08 25.95 72.79
CA GLN A 125 -55.15 25.12 73.50
C GLN A 125 -53.79 24.86 72.82
N TRP A 126 -53.73 25.09 71.50
CA TRP A 126 -52.48 24.86 70.76
C TRP A 126 -52.39 26.06 69.82
N PRO A 127 -52.44 27.28 70.35
CA PRO A 127 -52.38 28.57 69.63
C PRO A 127 -51.14 28.80 68.72
N GLU A 128 -50.10 28.02 68.95
CA GLU A 128 -48.83 28.06 68.23
C GLU A 128 -48.91 27.33 66.86
N LEU A 129 -49.48 26.14 66.88
CA LEU A 129 -49.63 25.33 65.69
C LEU A 129 -49.72 26.04 64.33
N ILE A 130 -50.87 26.66 64.00
CA ILE A 130 -51.05 27.31 62.70
C ILE A 130 -49.83 28.12 62.28
N PRO A 131 -49.37 29.03 63.14
CA PRO A 131 -48.19 29.81 62.76
C PRO A 131 -47.02 28.94 62.35
N GLN A 132 -46.92 27.82 63.05
CA GLN A 132 -45.85 26.86 62.80
C GLN A 132 -46.10 26.19 61.48
N LEU A 133 -47.33 25.74 61.27
CA LEU A 133 -47.68 25.07 60.03
C LEU A 133 -47.45 26.00 58.81
N VAL A 134 -47.84 27.27 58.93
CA VAL A 134 -47.65 28.23 57.85
C VAL A 134 -46.17 28.49 57.61
N ALA A 135 -45.42 28.74 58.68
CA ALA A 135 -43.99 28.95 58.54
C ALA A 135 -43.32 27.74 57.84
N ASN A 136 -43.76 26.52 58.16
CA ASN A 136 -43.19 25.32 57.56
C ASN A 136 -43.32 25.35 56.07
N VAL A 137 -44.47 25.78 55.59
CA VAL A 137 -44.69 25.81 54.15
C VAL A 137 -44.00 26.96 53.45
N THR A 138 -44.08 28.16 54.04
CA THR A 138 -43.51 29.34 53.42
C THR A 138 -42.03 29.58 53.64
N ASN A 139 -41.36 28.75 54.44
CA ASN A 139 -39.93 28.95 54.63
C ASN A 139 -39.24 28.64 53.29
N PRO A 140 -38.43 29.59 52.79
CA PRO A 140 -37.73 29.41 51.52
C PRO A 140 -36.77 28.24 51.49
N ASN A 141 -36.49 27.67 52.66
CA ASN A 141 -35.57 26.53 52.72
C ASN A 141 -36.29 25.22 52.96
N SER A 142 -37.57 25.31 53.32
CA SER A 142 -38.33 24.11 53.58
C SER A 142 -38.17 23.04 52.52
N THR A 143 -37.97 21.81 52.96
CA THR A 143 -37.80 20.69 52.06
C THR A 143 -39.07 20.39 51.30
N GLU A 144 -38.93 19.50 50.34
CA GLU A 144 -40.01 19.08 49.47
C GLU A 144 -41.01 18.22 50.27
N HIS A 145 -40.56 17.69 51.40
CA HIS A 145 -41.39 16.86 52.30
C HIS A 145 -41.99 17.73 53.38
N MET A 146 -41.20 18.72 53.83
CA MET A 146 -41.64 19.64 54.85
C MET A 146 -42.95 20.30 54.39
N LYS A 147 -42.96 20.80 53.14
CA LYS A 147 -44.16 21.46 52.60
C LYS A 147 -45.29 20.48 52.37
N GLU A 148 -44.95 19.33 51.80
CA GLU A 148 -45.97 18.35 51.48
C GLU A 148 -46.76 17.79 52.67
N SER A 149 -46.04 17.40 53.72
CA SER A 149 -46.71 16.83 54.88
C SER A 149 -47.40 17.91 55.70
N THR A 150 -46.84 19.12 55.69
CA THR A 150 -47.44 20.21 56.43
C THR A 150 -48.75 20.56 55.75
N LEU A 151 -48.71 20.65 54.43
CA LEU A 151 -49.90 20.96 53.66
C LEU A 151 -50.95 19.89 53.85
N GLU A 152 -50.56 18.65 54.11
CA GLU A 152 -51.54 17.59 54.33
C GLU A 152 -52.21 17.83 55.68
N ALA A 153 -51.42 18.26 56.67
CA ALA A 153 -51.94 18.53 58.02
C ALA A 153 -52.91 19.70 57.97
N ILE A 154 -52.48 20.82 57.37
CA ILE A 154 -53.33 22.00 57.20
C ILE A 154 -54.64 21.52 56.52
N GLY A 155 -54.48 20.71 55.47
CA GLY A 155 -55.61 20.15 54.76
C GLY A 155 -56.58 19.40 55.66
N TYR A 156 -56.09 18.47 56.48
CA TYR A 156 -56.93 17.69 57.39
C TYR A 156 -57.58 18.59 58.43
N ILE A 157 -56.83 19.55 58.96
CA ILE A 157 -57.39 20.46 59.94
C ILE A 157 -58.61 21.16 59.34
N CYS A 158 -58.42 21.78 58.17
CA CYS A 158 -59.52 22.48 57.48
C CYS A 158 -60.71 21.57 57.24
N GLN A 159 -60.43 20.36 56.80
CA GLN A 159 -61.47 19.39 56.51
C GLN A 159 -62.36 19.01 57.70
N ASP A 160 -61.76 18.72 58.86
CA ASP A 160 -62.52 18.26 60.02
C ASP A 160 -62.88 19.21 61.17
N ILE A 161 -62.41 20.45 61.13
CA ILE A 161 -62.71 21.42 62.18
C ILE A 161 -63.67 22.47 61.66
N ASP A 162 -64.60 22.94 62.48
CA ASP A 162 -65.57 23.97 62.07
C ASP A 162 -64.84 25.13 61.39
N PRO A 163 -65.16 25.42 60.12
CA PRO A 163 -64.49 26.51 59.43
C PRO A 163 -64.69 27.78 60.23
N GLU A 164 -65.67 27.74 61.11
CA GLU A 164 -65.96 28.88 61.95
C GLU A 164 -64.77 29.16 62.83
N GLN A 165 -63.92 28.16 63.00
CA GLN A 165 -62.76 28.29 63.87
C GLN A 165 -61.44 28.47 63.11
N LEU A 166 -61.44 29.24 62.03
CA LEU A 166 -60.20 29.44 61.27
C LEU A 166 -60.29 30.72 60.46
N GLN A 167 -61.48 31.31 60.40
CA GLN A 167 -61.69 32.54 59.64
C GLN A 167 -60.76 33.62 60.13
N ASP A 168 -60.35 33.53 61.39
CA ASP A 168 -59.46 34.52 61.98
C ASP A 168 -57.99 34.18 61.70
N LYS A 169 -57.77 33.19 60.84
CA LYS A 169 -56.44 32.72 60.44
C LYS A 169 -56.45 32.43 58.94
N SER A 170 -57.61 32.67 58.34
CA SER A 170 -57.85 32.41 56.92
C SER A 170 -56.80 33.00 56.01
N ASN A 171 -56.27 34.16 56.34
CA ASN A 171 -55.28 34.75 55.45
C ASN A 171 -53.92 34.10 55.53
N GLU A 172 -53.56 33.68 56.73
CA GLU A 172 -52.28 33.02 56.98
C GLU A 172 -52.27 31.68 56.23
N ILE A 173 -53.28 30.86 56.52
CA ILE A 173 -53.42 29.55 55.90
C ILE A 173 -53.39 29.66 54.38
N LEU A 174 -54.31 30.46 53.84
CA LEU A 174 -54.48 30.63 52.39
C LEU A 174 -53.19 30.95 51.70
N THR A 175 -52.32 31.67 52.40
CA THR A 175 -51.02 32.05 51.85
C THR A 175 -50.17 30.82 51.66
N ALA A 176 -50.15 29.98 52.70
CA ALA A 176 -49.39 28.73 52.72
C ALA A 176 -49.93 27.79 51.67
N ILE A 177 -51.27 27.68 51.59
CA ILE A 177 -51.90 26.81 50.59
C ILE A 177 -51.53 27.28 49.18
N ILE A 178 -51.89 28.53 48.83
CA ILE A 178 -51.61 29.10 47.51
C ILE A 178 -50.13 29.05 47.18
N GLN A 179 -49.32 28.99 48.21
CA GLN A 179 -47.89 28.92 48.04
C GLN A 179 -47.44 27.59 47.43
N GLY A 180 -47.99 26.47 47.91
CA GLY A 180 -47.62 25.17 47.38
C GLY A 180 -48.38 24.81 46.12
N MET A 181 -49.20 25.74 45.62
CA MET A 181 -50.00 25.53 44.43
C MET A 181 -49.49 26.30 43.21
N ARG A 182 -48.81 27.41 43.43
CA ARG A 182 -48.35 28.18 42.29
C ARG A 182 -47.37 27.37 41.46
N LYS A 183 -47.52 27.47 40.14
CA LYS A 183 -46.70 26.71 39.18
C LYS A 183 -45.19 26.61 39.46
N GLU A 184 -44.63 27.64 40.08
CA GLU A 184 -43.23 27.64 40.43
C GLU A 184 -42.88 26.43 41.31
N GLU A 185 -43.86 25.91 42.06
CA GLU A 185 -43.58 24.76 42.92
C GLU A 185 -43.14 23.58 42.06
N PRO A 186 -41.91 23.10 42.29
CA PRO A 186 -41.33 21.97 41.57
C PRO A 186 -42.11 20.67 41.72
N SER A 187 -42.42 20.29 42.96
CA SER A 187 -43.15 19.04 43.24
C SER A 187 -44.65 19.03 42.99
N ASN A 188 -45.13 18.04 42.24
CA ASN A 188 -46.55 17.93 42.01
C ASN A 188 -47.23 17.37 43.24
N ASN A 189 -46.44 16.67 44.08
CA ASN A 189 -46.94 16.07 45.31
C ASN A 189 -47.33 17.15 46.32
N VAL A 190 -46.48 18.17 46.39
CA VAL A 190 -46.71 19.32 47.24
C VAL A 190 -47.91 20.01 46.60
N LYS A 191 -47.85 20.17 45.29
CA LYS A 191 -48.93 20.83 44.59
C LYS A 191 -50.26 20.11 44.84
N LEU A 192 -50.20 18.80 44.97
CA LEU A 192 -51.39 18.00 45.22
C LEU A 192 -51.90 18.21 46.64
N ALA A 193 -50.98 18.25 47.60
CA ALA A 193 -51.38 18.45 48.99
C ALA A 193 -52.07 19.80 49.11
N ALA A 194 -51.41 20.80 48.52
CA ALA A 194 -51.89 22.18 48.53
C ALA A 194 -53.28 22.29 47.95
N THR A 195 -53.50 21.66 46.79
CA THR A 195 -54.80 21.72 46.14
C THR A 195 -55.96 21.07 46.93
N ASN A 196 -55.69 19.97 47.67
CA ASN A 196 -56.77 19.35 48.46
C ASN A 196 -56.96 20.20 49.71
N ALA A 197 -55.91 20.92 50.10
CA ALA A 197 -56.03 21.76 51.28
C ALA A 197 -56.99 22.89 50.94
N LEU A 198 -56.80 23.49 49.77
CA LEU A 198 -57.63 24.61 49.34
C LEU A 198 -59.08 24.17 49.27
N LEU A 199 -59.30 22.95 48.81
CA LEU A 199 -60.65 22.45 48.68
C LEU A 199 -61.44 22.54 49.99
N ASN A 200 -60.76 22.39 51.13
CA ASN A 200 -61.47 22.45 52.40
C ASN A 200 -61.40 23.81 53.07
N SER A 201 -60.68 24.74 52.46
CA SER A 201 -60.53 26.07 53.05
C SER A 201 -61.43 27.13 52.39
N LEU A 202 -62.19 26.71 51.38
CA LEU A 202 -63.07 27.65 50.69
C LEU A 202 -64.15 28.16 51.62
N GLU A 203 -64.56 27.29 52.53
CA GLU A 203 -65.59 27.62 53.50
C GLU A 203 -65.34 28.90 54.28
N PHE A 204 -64.09 29.34 54.37
CA PHE A 204 -63.76 30.55 55.12
C PHE A 204 -62.75 31.47 54.44
N THR A 205 -62.85 31.57 53.13
CA THR A 205 -61.97 32.44 52.38
C THR A 205 -62.86 33.47 51.69
N LYS A 206 -64.12 33.48 52.11
CA LYS A 206 -65.13 34.38 51.61
C LYS A 206 -64.60 35.81 51.58
N ALA A 207 -63.88 36.19 52.62
CA ALA A 207 -63.33 37.54 52.70
C ALA A 207 -62.25 37.77 51.64
N ASN A 208 -61.67 36.67 51.17
CA ASN A 208 -60.59 36.72 50.17
C ASN A 208 -61.14 36.69 48.77
N PHE A 209 -62.26 36.01 48.60
CA PHE A 209 -62.88 35.92 47.29
C PHE A 209 -63.54 37.23 46.98
N ASP A 210 -63.83 37.99 48.02
CA ASP A 210 -64.45 39.28 47.79
C ASP A 210 -63.50 40.32 47.24
N LYS A 211 -62.24 40.26 47.66
CA LYS A 211 -61.27 41.20 47.14
C LYS A 211 -60.87 40.72 45.74
N GLU A 212 -61.34 41.43 44.72
CA GLU A 212 -61.06 41.09 43.33
C GLU A 212 -59.57 40.88 43.04
N SER A 213 -58.71 41.56 43.78
CA SER A 213 -57.28 41.41 43.60
C SER A 213 -56.87 39.96 43.87
N GLU A 214 -57.35 39.43 45.00
CA GLU A 214 -57.04 38.07 45.45
C GLU A 214 -57.85 36.98 44.72
N ARG A 215 -59.14 37.20 44.51
CA ARG A 215 -59.97 36.20 43.83
C ARG A 215 -59.38 35.91 42.46
N HIS A 216 -58.83 36.92 41.79
CA HIS A 216 -58.24 36.67 40.47
C HIS A 216 -57.00 35.80 40.62
N PHE A 217 -56.29 35.92 41.72
CA PHE A 217 -55.08 35.11 41.88
C PHE A 217 -55.42 33.66 42.25
N ILE A 218 -56.35 33.48 43.18
CA ILE A 218 -56.79 32.16 43.57
C ILE A 218 -57.25 31.44 42.30
N MET A 219 -58.19 32.06 41.57
CA MET A 219 -58.72 31.48 40.33
C MET A 219 -57.67 31.16 39.27
N GLN A 220 -56.62 31.96 39.21
CA GLN A 220 -55.61 31.68 38.21
C GLN A 220 -54.84 30.47 38.70
N VAL A 221 -54.51 30.46 39.98
CA VAL A 221 -53.76 29.33 40.54
C VAL A 221 -54.54 28.04 40.35
N VAL A 222 -55.82 28.05 40.68
CA VAL A 222 -56.62 26.86 40.50
C VAL A 222 -56.61 26.46 39.03
N CYS A 223 -56.92 27.41 38.14
CA CYS A 223 -56.94 27.06 36.71
C CYS A 223 -55.64 26.45 36.23
N GLU A 224 -54.51 27.11 36.47
CA GLU A 224 -53.23 26.56 36.02
C GLU A 224 -53.05 25.11 36.52
N ALA A 225 -53.75 24.78 37.60
CA ALA A 225 -53.66 23.46 38.19
C ALA A 225 -54.54 22.43 37.48
N THR A 226 -55.56 22.87 36.74
CA THR A 226 -56.37 21.86 36.05
C THR A 226 -55.60 21.39 34.81
N GLN A 227 -54.43 22.01 34.62
CA GLN A 227 -53.55 21.71 33.50
C GLN A 227 -52.37 20.86 33.94
N CYS A 228 -52.32 20.51 35.21
CA CYS A 228 -51.19 19.74 35.70
C CYS A 228 -51.11 18.38 35.06
N PRO A 229 -49.90 17.95 34.65
CA PRO A 229 -49.64 16.64 34.02
C PRO A 229 -49.90 15.48 34.97
N ASP A 230 -50.01 15.79 36.26
CA ASP A 230 -50.26 14.75 37.25
C ASP A 230 -51.78 14.71 37.39
N THR A 231 -52.43 13.71 36.80
CA THR A 231 -53.88 13.61 36.88
C THR A 231 -54.48 13.91 38.26
N ARG A 232 -53.81 13.51 39.33
CA ARG A 232 -54.37 13.74 40.65
C ARG A 232 -54.54 15.20 40.94
N VAL A 233 -53.50 15.99 40.66
CA VAL A 233 -53.58 17.44 40.86
C VAL A 233 -54.74 18.03 40.05
N ARG A 234 -54.91 17.57 38.81
CA ARG A 234 -56.01 18.03 37.95
C ARG A 234 -57.33 17.84 38.62
N VAL A 235 -57.64 16.58 38.89
CA VAL A 235 -58.88 16.20 39.53
C VAL A 235 -59.09 17.04 40.79
N ALA A 236 -58.04 17.24 41.57
CA ALA A 236 -58.16 18.04 42.77
C ALA A 236 -58.55 19.48 42.39
N ALA A 237 -57.88 19.98 41.34
CA ALA A 237 -58.10 21.36 40.86
C ALA A 237 -59.52 21.55 40.33
N LEU A 238 -60.00 20.55 39.60
CA LEU A 238 -61.36 20.57 39.05
C LEU A 238 -62.36 20.52 40.21
N GLN A 239 -61.97 19.82 41.27
CA GLN A 239 -62.82 19.71 42.45
C GLN A 239 -63.05 21.06 43.08
N ASN A 240 -62.03 21.91 43.03
CA ASN A 240 -62.17 23.25 43.59
C ASN A 240 -63.12 24.05 42.70
N LEU A 241 -62.91 24.00 41.39
CA LEU A 241 -63.77 24.74 40.49
C LEU A 241 -65.21 24.37 40.76
N VAL A 242 -65.43 23.11 41.11
CA VAL A 242 -66.79 22.67 41.37
C VAL A 242 -67.38 23.26 42.64
N LYS A 243 -66.52 23.44 43.65
CA LYS A 243 -66.96 23.97 44.92
C LYS A 243 -66.99 25.49 44.88
N ILE A 244 -66.04 26.07 44.15
CA ILE A 244 -65.99 27.51 44.02
C ILE A 244 -67.27 27.96 43.31
N MET A 245 -67.72 27.16 42.36
CA MET A 245 -68.93 27.50 41.62
C MET A 245 -70.19 27.50 42.48
N SER A 246 -70.20 26.73 43.54
CA SER A 246 -71.39 26.70 44.38
C SER A 246 -71.24 27.65 45.55
N LEU A 247 -70.00 27.99 45.89
CA LEU A 247 -69.80 28.92 47.00
C LEU A 247 -69.55 30.35 46.52
N TYR A 248 -69.23 30.54 45.25
CA TYR A 248 -68.94 31.86 44.74
C TYR A 248 -69.44 32.08 43.31
N TYR A 249 -70.71 31.73 43.07
CA TYR A 249 -71.34 31.87 41.76
C TYR A 249 -71.35 33.30 41.27
N GLN A 250 -71.60 34.23 42.20
CA GLN A 250 -71.69 35.65 41.86
C GLN A 250 -70.41 36.26 41.34
N TYR A 251 -69.30 35.57 41.46
CA TYR A 251 -68.03 36.14 40.99
C TYR A 251 -67.47 35.42 39.77
N MET A 252 -68.25 34.51 39.20
CA MET A 252 -67.75 33.73 38.07
C MET A 252 -67.81 34.33 36.67
N GLU A 253 -68.33 35.55 36.53
CA GLU A 253 -68.42 36.19 35.21
C GLU A 253 -67.09 36.38 34.49
N THR A 254 -66.09 36.86 35.23
CA THR A 254 -64.76 37.10 34.69
C THR A 254 -64.06 35.89 34.10
N TYR A 255 -64.27 34.74 34.74
CA TYR A 255 -63.59 33.52 34.33
C TYR A 255 -64.41 32.56 33.50
N MET A 256 -65.68 32.44 33.84
CA MET A 256 -66.60 31.53 33.16
C MET A 256 -66.44 31.59 31.65
N GLY A 257 -66.72 32.76 31.08
CA GLY A 257 -66.62 32.95 29.65
C GLY A 257 -65.30 32.54 29.04
N PRO A 258 -64.18 33.14 29.43
CA PRO A 258 -62.87 32.80 28.88
C PRO A 258 -62.07 31.63 29.44
N ALA A 259 -62.55 30.95 30.48
CA ALA A 259 -61.74 29.85 31.07
C ALA A 259 -62.50 28.59 31.50
N LEU A 260 -63.36 28.76 32.51
CA LEU A 260 -64.12 27.64 33.03
C LEU A 260 -64.79 26.83 31.92
N PHE A 261 -65.62 27.47 31.13
CA PHE A 261 -66.32 26.78 30.05
C PHE A 261 -65.42 25.78 29.33
N ALA A 262 -64.29 26.28 28.84
CA ALA A 262 -63.32 25.45 28.11
C ALA A 262 -62.79 24.28 28.93
N ILE A 263 -62.34 24.57 30.16
CA ILE A 263 -61.78 23.57 31.06
C ILE A 263 -62.77 22.48 31.41
N THR A 264 -63.93 22.88 31.95
CA THR A 264 -64.92 21.91 32.35
C THR A 264 -65.43 21.12 31.15
N ILE A 265 -65.62 21.77 30.00
CA ILE A 265 -66.10 21.04 28.81
C ILE A 265 -65.14 19.93 28.43
N GLU A 266 -63.86 20.27 28.32
CA GLU A 266 -62.82 19.31 28.00
C GLU A 266 -62.78 18.25 29.07
N ALA A 267 -62.83 18.66 30.32
CA ALA A 267 -62.80 17.68 31.40
C ALA A 267 -63.86 16.61 31.17
N MET A 268 -65.07 17.05 30.81
CA MET A 268 -66.19 16.12 30.57
C MET A 268 -65.94 15.11 29.47
N LYS A 269 -65.07 15.49 28.54
CA LYS A 269 -64.72 14.66 27.42
C LYS A 269 -63.54 13.72 27.76
N SER A 270 -62.75 14.04 28.79
CA SER A 270 -61.58 13.21 29.14
C SER A 270 -61.85 11.71 29.17
N ASP A 271 -60.85 10.93 28.78
CA ASP A 271 -60.97 9.47 28.79
C ASP A 271 -60.95 8.97 30.24
N ILE A 272 -60.37 9.76 31.13
CA ILE A 272 -60.29 9.38 32.54
C ILE A 272 -61.57 9.66 33.29
N ASP A 273 -62.29 8.60 33.63
CA ASP A 273 -63.56 8.72 34.34
C ASP A 273 -63.61 9.70 35.53
N GLU A 274 -62.54 9.79 36.30
CA GLU A 274 -62.55 10.68 37.46
C GLU A 274 -62.57 12.15 37.06
N VAL A 275 -61.93 12.45 35.94
CA VAL A 275 -61.87 13.81 35.43
C VAL A 275 -63.21 14.17 34.76
N ALA A 276 -63.75 13.24 33.99
CA ALA A 276 -65.03 13.49 33.35
C ALA A 276 -66.07 13.69 34.45
N LEU A 277 -65.94 12.93 35.51
CA LEU A 277 -66.88 13.03 36.64
C LEU A 277 -66.93 14.42 37.25
N GLN A 278 -65.80 15.09 37.27
CA GLN A 278 -65.71 16.43 37.82
C GLN A 278 -66.36 17.45 36.86
N GLY A 279 -66.04 17.32 35.57
CA GLY A 279 -66.61 18.22 34.58
C GLY A 279 -68.12 18.25 34.74
N ILE A 280 -68.72 17.06 34.75
CA ILE A 280 -70.16 16.91 34.88
C ILE A 280 -70.64 17.52 36.18
N GLU A 281 -70.07 17.09 37.29
CA GLU A 281 -70.45 17.63 38.59
C GLU A 281 -70.53 19.17 38.52
N PHE A 282 -69.53 19.80 37.93
CA PHE A 282 -69.46 21.25 37.75
C PHE A 282 -70.68 21.86 37.08
N TRP A 283 -71.16 21.29 36.00
CA TRP A 283 -72.33 21.87 35.35
C TRP A 283 -73.66 21.47 36.05
N SER A 284 -73.62 20.47 36.92
CA SER A 284 -74.82 20.04 37.64
C SER A 284 -74.93 21.07 38.75
N ASN A 285 -73.77 21.41 39.26
CA ASN A 285 -73.68 22.37 40.34
C ASN A 285 -74.25 23.69 39.85
N VAL A 286 -73.90 24.07 38.60
CA VAL A 286 -74.41 25.31 38.00
C VAL A 286 -75.93 25.26 37.94
N CYS A 287 -76.49 24.22 37.33
CA CYS A 287 -77.95 24.08 37.25
C CYS A 287 -78.56 24.24 38.61
N ASP A 288 -77.96 23.59 39.58
CA ASP A 288 -78.47 23.67 40.93
C ASP A 288 -78.52 25.10 41.42
N GLU A 289 -77.38 25.77 41.37
CA GLU A 289 -77.25 27.15 41.80
C GLU A 289 -78.25 28.04 41.09
N GLU A 290 -78.38 27.81 39.78
CA GLU A 290 -79.28 28.59 38.94
C GLU A 290 -80.75 28.28 39.19
N MET A 291 -81.02 27.08 39.66
CA MET A 291 -82.40 26.72 39.96
C MET A 291 -82.89 27.42 41.21
N ASP A 292 -82.04 27.48 42.24
CA ASP A 292 -82.41 28.13 43.50
C ASP A 292 -82.55 29.62 43.25
N LEU A 293 -81.80 30.11 42.27
CA LEU A 293 -81.85 31.53 41.93
C LEU A 293 -83.19 31.85 41.28
N ALA A 294 -83.65 30.99 40.38
CA ALA A 294 -84.93 31.18 39.74
C ALA A 294 -86.01 31.31 40.80
N ILE A 295 -85.82 30.60 41.91
CA ILE A 295 -86.75 30.64 43.05
C ILE A 295 -86.58 31.96 43.78
N GLU A 296 -85.37 32.22 44.26
CA GLU A 296 -85.07 33.45 44.96
C GLU A 296 -85.49 34.65 44.13
N ALA A 297 -85.51 34.48 42.81
CA ALA A 297 -85.89 35.55 41.89
C ALA A 297 -87.41 35.65 41.85
N SER A 298 -88.06 34.52 41.70
CA SER A 298 -89.51 34.50 41.65
C SER A 298 -90.11 34.98 42.98
N GLU A 299 -89.48 34.61 44.09
CA GLU A 299 -89.97 35.03 45.39
C GLU A 299 -89.94 36.54 45.52
N ALA A 300 -88.94 37.17 44.91
CA ALA A 300 -88.83 38.63 44.98
C ALA A 300 -89.83 39.26 44.02
N ALA A 301 -90.39 38.46 43.11
CA ALA A 301 -91.39 38.96 42.17
C ALA A 301 -92.65 39.37 42.94
N GLU A 302 -93.06 38.51 43.87
CA GLU A 302 -94.24 38.78 44.69
C GLU A 302 -93.99 39.99 45.57
N GLN A 303 -92.81 40.02 46.20
CA GLN A 303 -92.45 41.12 47.08
C GLN A 303 -92.11 42.39 46.29
N GLY A 304 -92.41 42.36 44.99
CA GLY A 304 -92.17 43.50 44.12
C GLY A 304 -90.83 44.23 44.23
N ARG A 305 -89.78 43.50 44.60
CA ARG A 305 -88.43 44.08 44.72
C ARG A 305 -87.42 43.12 44.08
N PRO A 306 -86.20 43.60 43.76
CA PRO A 306 -85.18 42.75 43.13
C PRO A 306 -84.48 41.78 44.07
N PRO A 307 -84.23 40.55 43.59
CA PRO A 307 -83.56 39.53 44.40
C PRO A 307 -82.16 39.97 44.81
N GLU A 308 -81.60 39.34 45.83
CA GLU A 308 -80.27 39.69 46.33
C GLU A 308 -79.21 39.39 45.30
N HIS A 309 -79.33 38.24 44.66
CA HIS A 309 -78.40 37.81 43.63
C HIS A 309 -79.17 37.42 42.39
N THR A 310 -78.56 37.62 41.23
CA THR A 310 -79.24 37.29 39.99
C THR A 310 -78.50 36.19 39.22
N SER A 311 -79.27 35.33 38.57
CA SER A 311 -78.73 34.24 37.75
C SER A 311 -78.12 34.80 36.44
N LYS A 312 -77.13 34.12 35.88
CA LYS A 312 -76.50 34.58 34.63
C LYS A 312 -76.76 33.53 33.53
N PHE A 313 -77.62 32.57 33.86
CA PHE A 313 -78.02 31.53 32.93
C PHE A 313 -76.89 30.89 32.14
N TYR A 314 -75.84 30.50 32.84
CA TYR A 314 -74.70 29.86 32.21
C TYR A 314 -75.16 28.51 31.69
N ALA A 315 -76.01 27.84 32.47
CA ALA A 315 -76.50 26.50 32.09
C ALA A 315 -77.21 26.55 30.73
N LYS A 316 -78.19 27.45 30.60
CA LYS A 316 -78.95 27.62 29.37
C LYS A 316 -78.06 28.09 28.21
N GLY A 317 -76.98 28.80 28.52
CA GLY A 317 -76.08 29.26 27.48
C GLY A 317 -75.16 28.17 26.95
N ALA A 318 -75.02 27.07 27.70
CA ALA A 318 -74.14 25.96 27.30
C ALA A 318 -74.92 24.76 26.73
N LEU A 319 -76.24 24.80 26.89
CA LEU A 319 -77.14 23.75 26.40
C LEU A 319 -76.68 23.23 25.05
N GLN A 320 -76.04 24.09 24.27
CA GLN A 320 -75.56 23.74 22.93
C GLN A 320 -74.41 22.77 22.95
N TYR A 321 -73.49 22.90 23.91
CA TYR A 321 -72.33 22.03 23.94
C TYR A 321 -72.43 20.96 25.03
N LEU A 322 -73.39 21.13 25.93
CA LEU A 322 -73.54 20.21 27.04
C LEU A 322 -74.29 18.99 26.60
N VAL A 323 -75.52 19.20 26.13
CA VAL A 323 -76.37 18.11 25.69
C VAL A 323 -75.69 17.01 24.90
N PRO A 324 -75.03 17.35 23.77
CA PRO A 324 -74.36 16.30 23.01
C PRO A 324 -73.35 15.49 23.83
N ILE A 325 -72.62 16.13 24.73
CA ILE A 325 -71.65 15.43 25.58
C ILE A 325 -72.38 14.51 26.56
N LEU A 326 -73.40 15.04 27.22
CA LEU A 326 -74.17 14.25 28.19
C LEU A 326 -74.77 13.01 27.55
N THR A 327 -75.49 13.21 26.44
CA THR A 327 -76.12 12.09 25.73
C THR A 327 -75.04 11.11 25.30
N GLN A 328 -73.94 11.65 24.80
CA GLN A 328 -72.84 10.82 24.35
C GLN A 328 -72.27 10.02 25.51
N THR A 329 -72.30 10.62 26.69
CA THR A 329 -71.78 10.00 27.90
C THR A 329 -72.66 8.84 28.37
N LEU A 330 -73.95 8.88 28.02
CA LEU A 330 -74.91 7.83 28.39
C LEU A 330 -74.61 6.54 27.63
N THR A 331 -73.66 6.62 26.71
CA THR A 331 -73.25 5.50 25.90
C THR A 331 -72.24 4.66 26.67
N LYS A 332 -71.60 5.29 27.64
CA LYS A 332 -70.62 4.62 28.48
C LYS A 332 -71.41 3.84 29.52
N GLN A 333 -72.12 2.82 29.06
CA GLN A 333 -72.96 2.00 29.92
C GLN A 333 -72.18 0.92 30.63
N ASP A 334 -72.69 0.53 31.79
CA ASP A 334 -72.07 -0.53 32.57
C ASP A 334 -72.80 -1.86 32.32
N GLU A 335 -72.25 -2.63 31.38
CA GLU A 335 -72.77 -3.94 30.96
C GLU A 335 -73.04 -4.92 32.10
N ASN A 336 -72.10 -4.93 33.02
CA ASN A 336 -72.01 -5.85 34.13
C ASN A 336 -72.32 -5.44 35.55
N ASP A 337 -71.98 -4.20 35.87
CA ASP A 337 -72.10 -3.78 37.24
C ASP A 337 -73.06 -2.81 37.90
N ASP A 338 -72.74 -2.77 39.17
CA ASP A 338 -73.30 -1.98 40.23
C ASP A 338 -74.21 -0.84 39.81
N ASP A 339 -75.50 -1.01 40.04
CA ASP A 339 -76.46 0.00 39.72
C ASP A 339 -76.31 1.03 40.85
N ASP A 340 -75.27 0.82 41.66
CA ASP A 340 -74.92 1.67 42.81
C ASP A 340 -73.67 2.51 42.46
N ASP A 341 -72.91 2.05 41.46
CA ASP A 341 -71.69 2.75 41.03
C ASP A 341 -71.92 4.12 40.40
N TRP A 342 -71.08 5.07 40.79
CA TRP A 342 -71.15 6.43 40.29
C TRP A 342 -70.15 6.61 39.19
N ASN A 343 -70.55 6.30 37.96
CA ASN A 343 -69.66 6.46 36.82
C ASN A 343 -70.16 7.64 35.99
N PRO A 344 -69.37 8.08 34.99
CA PRO A 344 -69.78 9.21 34.14
C PRO A 344 -71.23 9.10 33.65
N CYS A 345 -71.61 7.88 33.25
CA CYS A 345 -72.94 7.59 32.76
C CYS A 345 -74.02 7.95 33.81
N LYS A 346 -73.83 7.50 35.04
CA LYS A 346 -74.80 7.80 36.10
C LYS A 346 -74.83 9.31 36.27
N ALA A 347 -73.64 9.90 36.31
CA ALA A 347 -73.50 11.34 36.48
C ALA A 347 -74.26 12.10 35.41
N ALA A 348 -73.87 11.85 34.15
CA ALA A 348 -74.48 12.48 32.99
C ALA A 348 -75.99 12.50 33.07
N GLY A 349 -76.59 11.34 33.27
CA GLY A 349 -78.03 11.28 33.35
C GLY A 349 -78.61 12.14 34.45
N VAL A 350 -78.01 12.13 35.63
CA VAL A 350 -78.57 12.95 36.69
C VAL A 350 -78.43 14.40 36.28
N CYS A 351 -77.30 14.69 35.64
CA CYS A 351 -77.01 16.03 35.17
C CYS A 351 -78.06 16.48 34.17
N LEU A 352 -78.31 15.62 33.19
CA LEU A 352 -79.29 15.91 32.16
C LEU A 352 -80.63 16.30 32.77
N MET A 353 -81.08 15.49 33.73
CA MET A 353 -82.33 15.76 34.41
C MET A 353 -82.31 17.17 34.97
N LEU A 354 -81.15 17.55 35.51
CA LEU A 354 -80.99 18.89 36.07
C LEU A 354 -81.08 19.92 34.96
N LEU A 355 -80.35 19.67 33.88
CA LEU A 355 -80.37 20.57 32.74
C LEU A 355 -81.79 20.76 32.26
N ALA A 356 -82.57 19.69 32.29
CA ALA A 356 -83.96 19.73 31.86
C ALA A 356 -84.76 20.71 32.71
N THR A 357 -84.91 20.40 34.00
CA THR A 357 -85.63 21.24 34.94
C THR A 357 -85.09 22.67 34.95
N CYS A 358 -83.95 22.89 34.31
CA CYS A 358 -83.33 24.22 34.25
C CYS A 358 -83.77 24.91 32.97
N CYS A 359 -83.16 24.54 31.84
CA CYS A 359 -83.51 25.12 30.54
C CYS A 359 -84.80 24.45 30.09
N GLU A 360 -85.77 24.38 31.01
CA GLU A 360 -87.05 23.72 30.82
C GLU A 360 -87.47 23.19 29.47
N ASP A 361 -87.87 24.11 28.61
CA ASP A 361 -88.34 23.73 27.30
C ASP A 361 -87.28 23.54 26.27
N ASP A 362 -86.28 24.40 26.33
CA ASP A 362 -85.22 24.38 25.34
C ASP A 362 -84.29 23.22 25.49
N ILE A 363 -84.75 22.18 26.18
CA ILE A 363 -83.95 20.97 26.38
C ILE A 363 -84.31 19.92 25.33
N VAL A 364 -85.62 19.79 25.08
CA VAL A 364 -86.13 18.84 24.09
C VAL A 364 -85.55 18.96 22.68
N PRO A 365 -85.71 20.11 22.03
CA PRO A 365 -85.17 20.23 20.67
C PRO A 365 -83.67 19.91 20.53
N HIS A 366 -82.94 19.85 21.65
CA HIS A 366 -81.51 19.53 21.57
C HIS A 366 -81.27 18.02 21.77
N VAL A 367 -82.15 17.40 22.56
CA VAL A 367 -82.06 15.99 22.90
C VAL A 367 -82.70 15.07 21.85
N LEU A 368 -83.86 15.46 21.34
CA LEU A 368 -84.55 14.65 20.34
C LEU A 368 -83.68 14.06 19.22
N PRO A 369 -82.90 14.90 18.53
CA PRO A 369 -82.05 14.42 17.44
C PRO A 369 -81.22 13.20 17.81
N PHE A 370 -80.76 13.14 19.06
CA PHE A 370 -79.98 12.00 19.51
C PHE A 370 -80.88 10.81 19.75
N ILE A 371 -82.04 11.06 20.37
CA ILE A 371 -83.00 9.99 20.64
C ILE A 371 -83.44 9.33 19.34
N LYS A 372 -83.85 10.16 18.38
CA LYS A 372 -84.29 9.70 17.06
C LYS A 372 -83.25 8.81 16.41
N GLU A 373 -82.07 9.38 16.19
CA GLU A 373 -81.00 8.66 15.53
C GLU A 373 -80.56 7.36 16.21
N HIS A 374 -80.87 7.19 17.49
CA HIS A 374 -80.40 5.99 18.17
C HIS A 374 -81.41 5.04 18.80
N ILE A 375 -82.61 5.52 19.12
CA ILE A 375 -83.61 4.64 19.76
C ILE A 375 -83.68 3.26 19.09
N LYS A 376 -83.38 3.23 17.79
CA LYS A 376 -83.36 1.97 17.03
C LYS A 376 -81.95 1.71 16.55
N ASN A 377 -81.07 1.36 17.48
CA ASN A 377 -79.68 1.11 17.13
C ASN A 377 -79.26 -0.32 17.49
N PRO A 378 -78.39 -0.93 16.67
CA PRO A 378 -77.93 -2.29 16.93
C PRO A 378 -77.30 -2.36 18.30
N ASP A 379 -76.43 -1.38 18.58
CA ASP A 379 -75.74 -1.33 19.86
C ASP A 379 -76.74 -1.08 20.99
N TRP A 380 -76.82 -2.03 21.92
CA TRP A 380 -77.73 -1.93 23.06
C TRP A 380 -77.45 -0.66 23.85
N ARG A 381 -76.19 -0.25 23.86
CA ARG A 381 -75.77 0.94 24.58
C ARG A 381 -76.48 2.19 24.06
N TYR A 382 -76.30 2.48 22.76
CA TYR A 382 -76.93 3.63 22.17
C TYR A 382 -78.44 3.54 22.25
N ARG A 383 -78.97 2.33 22.08
CA ARG A 383 -80.41 2.10 22.14
C ARG A 383 -80.88 2.45 23.54
N ASP A 384 -80.08 2.10 24.55
CA ASP A 384 -80.44 2.39 25.93
C ASP A 384 -80.24 3.88 26.19
N ALA A 385 -79.16 4.43 25.65
CA ALA A 385 -78.88 5.86 25.82
C ALA A 385 -80.10 6.65 25.35
N ALA A 386 -80.50 6.43 24.10
CA ALA A 386 -81.66 7.13 23.55
C ALA A 386 -82.86 7.02 24.50
N VAL A 387 -83.21 5.81 24.93
CA VAL A 387 -84.34 5.64 25.85
C VAL A 387 -84.10 6.34 27.17
N MET A 388 -82.83 6.39 27.57
CA MET A 388 -82.45 7.04 28.81
C MET A 388 -82.67 8.55 28.73
N ALA A 389 -82.04 9.16 27.73
CA ALA A 389 -82.14 10.59 27.48
C ALA A 389 -83.59 11.03 27.40
N PHE A 390 -84.43 10.25 26.73
CA PHE A 390 -85.85 10.58 26.63
C PHE A 390 -86.47 10.57 28.03
N GLY A 391 -86.01 9.67 28.89
CA GLY A 391 -86.55 9.59 30.22
C GLY A 391 -86.11 10.75 31.09
N CYS A 392 -84.97 11.36 30.75
CA CYS A 392 -84.43 12.47 31.51
C CYS A 392 -85.10 13.81 31.22
N ILE A 393 -85.38 14.10 29.95
CA ILE A 393 -86.02 15.35 29.55
C ILE A 393 -87.49 15.39 29.94
N LEU A 394 -88.03 14.27 30.40
CA LEU A 394 -89.44 14.18 30.78
C LEU A 394 -89.86 15.20 31.84
N GLU A 395 -88.96 15.55 32.74
CA GLU A 395 -89.31 16.51 33.77
C GLU A 395 -88.53 17.80 33.61
N GLY A 396 -89.19 18.79 33.02
CA GLY A 396 -88.58 20.08 32.77
C GLY A 396 -89.50 20.82 31.82
N PRO A 397 -89.62 20.38 30.57
CA PRO A 397 -90.48 21.02 29.56
C PRO A 397 -91.93 20.97 30.01
N GLU A 398 -92.67 22.02 29.70
CA GLU A 398 -94.09 22.14 30.05
C GLU A 398 -94.85 20.80 29.85
N PRO A 399 -95.63 20.38 30.87
CA PRO A 399 -96.41 19.13 30.85
C PRO A 399 -97.23 18.99 29.58
N SER A 400 -97.72 20.12 29.11
CA SER A 400 -98.52 20.15 27.90
C SER A 400 -97.63 20.01 26.69
N GLN A 401 -96.55 20.79 26.65
CA GLN A 401 -95.63 20.78 25.52
C GLN A 401 -95.02 19.40 25.27
N LEU A 402 -95.01 18.54 26.29
CA LEU A 402 -94.43 17.20 26.19
C LEU A 402 -95.37 16.14 25.60
N LYS A 403 -96.61 16.14 26.08
CA LYS A 403 -97.60 15.18 25.65
C LYS A 403 -97.54 14.75 24.16
N PRO A 404 -97.41 15.71 23.23
CA PRO A 404 -97.35 15.38 21.79
C PRO A 404 -96.16 14.52 21.43
N LEU A 405 -95.04 14.82 22.11
CA LEU A 405 -93.81 14.08 21.91
C LEU A 405 -94.00 12.68 22.47
N VAL A 406 -94.65 12.60 23.63
CA VAL A 406 -94.93 11.32 24.25
C VAL A 406 -95.80 10.49 23.30
N ILE A 407 -96.57 11.18 22.46
CA ILE A 407 -97.46 10.54 21.50
C ILE A 407 -96.70 9.62 20.56
N GLN A 408 -95.77 10.21 19.82
CA GLN A 408 -94.97 9.48 18.85
C GLN A 408 -93.93 8.54 19.46
N ALA A 409 -93.51 8.82 20.69
CA ALA A 409 -92.53 7.97 21.34
C ALA A 409 -93.15 6.68 21.86
N MET A 410 -94.25 6.83 22.60
CA MET A 410 -94.97 5.71 23.22
C MET A 410 -94.91 4.40 22.44
N PRO A 411 -95.14 4.45 21.11
CA PRO A 411 -95.09 3.19 20.37
C PRO A 411 -93.79 2.47 20.67
N THR A 412 -92.69 3.04 20.20
CA THR A 412 -91.36 2.45 20.40
C THR A 412 -91.02 2.21 21.87
N LEU A 413 -91.45 3.11 22.73
CA LEU A 413 -91.18 3.00 24.15
C LEU A 413 -91.68 1.67 24.71
N ILE A 414 -92.69 1.12 24.04
CA ILE A 414 -93.25 -0.15 24.46
C ILE A 414 -92.41 -1.30 23.91
N GLU A 415 -92.14 -1.27 22.60
CA GLU A 415 -91.34 -2.31 21.98
C GLU A 415 -90.14 -2.61 22.85
N LEU A 416 -89.40 -1.55 23.17
CA LEU A 416 -88.19 -1.65 23.96
C LEU A 416 -88.41 -2.40 25.28
N MET A 417 -89.64 -2.38 25.79
CA MET A 417 -89.92 -3.10 27.02
C MET A 417 -89.71 -4.59 26.75
N LYS A 418 -89.71 -4.95 25.47
CA LYS A 418 -89.51 -6.32 25.04
C LYS A 418 -88.15 -6.45 24.36
N ASP A 419 -87.32 -5.42 24.48
CA ASP A 419 -85.98 -5.42 23.87
C ASP A 419 -85.15 -6.53 24.54
N PRO A 420 -84.25 -7.18 23.77
CA PRO A 420 -83.41 -8.26 24.30
C PRO A 420 -82.67 -7.80 25.57
N SER A 421 -81.88 -6.74 25.43
CA SER A 421 -81.09 -6.18 26.52
C SER A 421 -81.91 -5.94 27.79
N VAL A 422 -81.48 -6.56 28.87
CA VAL A 422 -82.15 -6.42 30.14
C VAL A 422 -82.06 -4.97 30.59
N VAL A 423 -80.91 -4.36 30.27
CA VAL A 423 -80.65 -2.96 30.62
C VAL A 423 -81.65 -2.04 29.95
N VAL A 424 -81.79 -2.21 28.63
CA VAL A 424 -82.72 -1.43 27.83
C VAL A 424 -84.15 -1.61 28.35
N ARG A 425 -84.51 -2.87 28.59
CA ARG A 425 -85.82 -3.22 29.13
C ARG A 425 -86.06 -2.47 30.44
N ASP A 426 -85.07 -2.49 31.32
CA ASP A 426 -85.15 -1.81 32.61
C ASP A 426 -85.36 -0.30 32.43
N THR A 427 -84.58 0.27 31.52
CA THR A 427 -84.65 1.69 31.21
C THR A 427 -86.02 2.05 30.68
N ALA A 428 -86.40 1.41 29.58
CA ALA A 428 -87.70 1.63 28.92
C ALA A 428 -88.82 1.64 29.95
N ALA A 429 -88.70 0.73 30.90
CA ALA A 429 -89.67 0.60 31.98
C ALA A 429 -89.70 1.89 32.78
N TRP A 430 -88.55 2.29 33.29
CA TRP A 430 -88.41 3.51 34.07
C TRP A 430 -89.05 4.69 33.32
N THR A 431 -88.64 4.87 32.07
CA THR A 431 -89.16 5.95 31.21
C THR A 431 -90.67 5.91 31.16
N VAL A 432 -91.21 4.80 30.65
CA VAL A 432 -92.66 4.64 30.55
C VAL A 432 -93.34 4.88 31.89
N GLY A 433 -92.64 4.50 32.96
CA GLY A 433 -93.19 4.70 34.29
C GLY A 433 -93.35 6.18 34.58
N ARG A 434 -92.34 6.97 34.23
CA ARG A 434 -92.39 8.42 34.47
C ARG A 434 -93.51 9.09 33.68
N ILE A 435 -93.74 8.62 32.46
CA ILE A 435 -94.79 9.18 31.60
C ILE A 435 -96.17 9.05 32.24
N CYS A 436 -96.61 7.80 32.41
CA CYS A 436 -97.91 7.49 32.99
C CYS A 436 -98.11 8.28 34.27
N GLU A 437 -97.03 8.45 35.01
CA GLU A 437 -97.05 9.18 36.27
C GLU A 437 -97.34 10.66 36.04
N LEU A 438 -96.31 11.39 35.61
CA LEU A 438 -96.41 12.82 35.37
C LEU A 438 -97.65 13.20 34.56
N LEU A 439 -97.48 13.34 33.25
CA LEU A 439 -98.60 13.71 32.39
C LEU A 439 -99.65 12.59 32.43
N PRO A 440 -100.77 12.82 33.14
CA PRO A 440 -101.80 11.77 33.18
C PRO A 440 -102.07 11.19 31.79
N GLU A 441 -102.32 11.98 30.84
N MET B 1 50.95 -53.73 -31.96
CA MET B 1 52.44 -53.49 -32.09
C MET B 1 52.91 -53.57 -33.56
N GLU B 2 52.22 -52.82 -34.43
CA GLU B 2 52.51 -52.76 -35.85
C GLU B 2 53.45 -51.58 -36.20
N LEU B 3 53.16 -50.96 -37.35
CA LEU B 3 53.96 -49.83 -37.84
C LEU B 3 53.59 -48.56 -37.08
N ILE B 4 52.29 -48.28 -36.97
CA ILE B 4 51.86 -47.10 -36.23
C ILE B 4 52.62 -47.10 -34.91
N THR B 5 52.63 -48.26 -34.28
CA THR B 5 53.28 -48.47 -33.00
C THR B 5 54.79 -48.20 -33.02
N ILE B 6 55.51 -48.69 -34.03
CA ILE B 6 56.96 -48.43 -34.10
C ILE B 6 57.19 -46.94 -34.30
N LEU B 7 56.41 -46.32 -35.20
CA LEU B 7 56.52 -44.89 -35.51
C LEU B 7 56.34 -44.02 -34.26
N GLU B 8 55.27 -44.25 -33.50
CA GLU B 8 55.06 -43.45 -32.30
C GLU B 8 56.21 -43.61 -31.32
N LYS B 9 56.87 -44.76 -31.30
CA LYS B 9 57.99 -44.94 -30.39
C LYS B 9 59.23 -44.15 -30.86
N THR B 10 59.10 -43.45 -31.99
CA THR B 10 60.23 -42.69 -32.50
C THR B 10 60.32 -41.35 -31.74
N VAL B 11 59.33 -41.10 -30.88
CA VAL B 11 59.30 -39.86 -30.08
C VAL B 11 59.19 -40.17 -28.59
N SER B 12 59.15 -41.47 -28.27
CA SER B 12 59.09 -41.92 -26.90
C SER B 12 60.31 -41.35 -26.20
N PRO B 13 60.14 -40.88 -24.94
CA PRO B 13 61.24 -40.30 -24.17
C PRO B 13 62.34 -41.33 -23.80
N ASP B 14 61.99 -42.62 -23.75
CA ASP B 14 62.84 -43.79 -23.39
C ASP B 14 63.92 -44.06 -24.48
N ARG B 15 65.19 -43.83 -24.20
CA ARG B 15 66.24 -44.08 -25.22
C ARG B 15 66.41 -45.53 -25.65
N LEU B 16 65.70 -46.45 -25.04
CA LEU B 16 65.85 -47.82 -25.49
C LEU B 16 64.75 -47.88 -26.48
N GLU B 17 63.53 -47.65 -26.03
CA GLU B 17 62.35 -47.65 -26.91
C GLU B 17 62.59 -46.77 -28.16
N LEU B 18 63.25 -45.63 -27.98
CA LEU B 18 63.52 -44.74 -29.11
C LEU B 18 64.55 -45.28 -30.08
N GLU B 19 65.58 -45.95 -29.58
CA GLU B 19 66.59 -46.48 -30.48
C GLU B 19 66.15 -47.81 -31.09
N ALA B 20 65.25 -48.51 -30.40
CA ALA B 20 64.73 -49.78 -30.87
C ALA B 20 63.95 -49.48 -32.13
N ALA B 21 62.92 -48.64 -31.99
CA ALA B 21 62.09 -48.24 -33.11
C ALA B 21 62.97 -47.80 -34.29
N GLN B 22 64.03 -47.04 -33.98
CA GLN B 22 64.95 -46.54 -35.01
C GLN B 22 65.58 -47.65 -35.84
N LYS B 23 66.12 -48.67 -35.17
CA LYS B 23 66.76 -49.80 -35.86
C LYS B 23 65.73 -50.49 -36.76
N PHE B 24 64.53 -50.73 -36.23
CA PHE B 24 63.49 -51.38 -36.99
C PHE B 24 63.32 -50.66 -38.31
N LEU B 25 63.01 -49.37 -38.22
CA LEU B 25 62.78 -48.55 -39.38
C LEU B 25 63.94 -48.50 -40.34
N GLU B 26 65.15 -48.69 -39.84
CA GLU B 26 66.31 -48.65 -40.73
C GLU B 26 66.42 -49.89 -41.60
N ARG B 27 66.30 -51.07 -41.01
CA ARG B 27 66.39 -52.28 -41.80
C ARG B 27 65.19 -52.36 -42.73
N ALA B 28 64.05 -51.83 -42.29
CA ALA B 28 62.83 -51.81 -43.11
C ALA B 28 63.10 -51.10 -44.41
N ALA B 29 63.93 -50.05 -44.34
CA ALA B 29 64.27 -49.26 -45.51
C ALA B 29 65.31 -49.98 -46.31
N VAL B 30 66.04 -50.85 -45.65
CA VAL B 30 67.08 -51.61 -46.33
C VAL B 30 66.59 -52.92 -46.98
N GLU B 31 65.92 -53.75 -46.18
CA GLU B 31 65.43 -55.04 -46.65
C GLU B 31 64.00 -55.03 -47.17
N ASN B 32 63.28 -53.93 -47.05
CA ASN B 32 61.91 -53.94 -47.54
C ASN B 32 61.44 -52.55 -48.03
N LEU B 33 62.31 -51.85 -48.75
CA LEU B 33 62.00 -50.50 -49.17
C LEU B 33 60.70 -50.20 -49.90
N PRO B 34 60.37 -50.94 -50.96
CA PRO B 34 59.11 -50.62 -51.64
C PRO B 34 57.89 -50.78 -50.74
N THR B 35 57.85 -51.84 -49.96
CA THR B 35 56.71 -52.09 -49.07
C THR B 35 56.70 -51.07 -47.94
N PHE B 36 57.85 -50.84 -47.36
CA PHE B 36 57.99 -49.88 -46.28
C PHE B 36 57.33 -48.55 -46.69
N LEU B 37 57.72 -48.04 -47.87
CA LEU B 37 57.20 -46.77 -48.36
C LEU B 37 55.70 -46.76 -48.59
N VAL B 38 55.15 -47.82 -49.18
CA VAL B 38 53.73 -47.84 -49.44
C VAL B 38 52.95 -47.85 -48.12
N GLU B 39 53.53 -48.49 -47.11
CA GLU B 39 52.88 -48.60 -45.80
C GLU B 39 52.86 -47.28 -45.09
N LEU B 40 54.02 -46.62 -45.11
CA LEU B 40 54.18 -45.31 -44.50
C LEU B 40 53.20 -44.32 -45.12
N SER B 41 53.14 -44.30 -46.46
CA SER B 41 52.25 -43.40 -47.16
C SER B 41 50.80 -43.70 -46.77
N ARG B 42 50.51 -44.97 -46.48
CA ARG B 42 49.16 -45.37 -46.10
C ARG B 42 48.80 -44.80 -44.73
N VAL B 43 49.78 -44.85 -43.83
CA VAL B 43 49.61 -44.32 -42.47
C VAL B 43 49.35 -42.82 -42.69
N LEU B 44 50.35 -42.13 -43.22
CA LEU B 44 50.25 -40.69 -43.51
C LEU B 44 48.93 -40.28 -44.16
N ALA B 45 48.48 -41.09 -45.10
CA ALA B 45 47.27 -40.78 -45.83
C ALA B 45 45.99 -40.91 -45.02
N ASN B 46 46.03 -41.68 -43.93
CA ASN B 46 44.83 -41.90 -43.12
C ASN B 46 44.60 -40.91 -42.00
N PRO B 47 43.58 -40.05 -42.19
CA PRO B 47 43.21 -39.02 -41.23
C PRO B 47 42.76 -39.62 -39.91
N GLY B 48 42.73 -40.94 -39.85
CA GLY B 48 42.33 -41.59 -38.62
C GLY B 48 43.49 -41.80 -37.66
N ASN B 49 44.70 -41.56 -38.13
CA ASN B 49 45.88 -41.77 -37.30
C ASN B 49 46.25 -40.56 -36.44
N SER B 50 47.11 -40.79 -35.46
CA SER B 50 47.56 -39.73 -34.55
C SER B 50 48.44 -38.79 -35.30
N GLN B 51 48.50 -37.54 -34.87
CA GLN B 51 49.34 -36.59 -35.55
C GLN B 51 50.76 -37.09 -35.30
N VAL B 52 50.97 -37.78 -34.19
CA VAL B 52 52.30 -38.30 -33.87
C VAL B 52 52.73 -39.31 -34.92
N ALA B 53 51.80 -40.19 -35.27
CA ALA B 53 52.04 -41.24 -36.26
C ALA B 53 52.23 -40.65 -37.65
N ARG B 54 51.22 -39.93 -38.13
CA ARG B 54 51.26 -39.29 -39.44
C ARG B 54 52.56 -38.55 -39.65
N VAL B 55 52.86 -37.59 -38.78
CA VAL B 55 54.10 -36.81 -38.90
C VAL B 55 55.35 -37.71 -38.95
N ALA B 56 55.31 -38.80 -38.17
CA ALA B 56 56.40 -39.77 -38.11
C ALA B 56 56.49 -40.50 -39.44
N ALA B 57 55.34 -40.95 -39.93
CA ALA B 57 55.29 -41.64 -41.19
C ALA B 57 55.89 -40.73 -42.27
N GLY B 58 55.40 -39.50 -42.28
CA GLY B 58 55.85 -38.52 -43.26
C GLY B 58 57.34 -38.30 -43.20
N LEU B 59 57.86 -38.14 -41.98
CA LEU B 59 59.28 -37.91 -41.85
C LEU B 59 60.13 -39.06 -42.45
N GLN B 60 59.70 -40.31 -42.25
CA GLN B 60 60.39 -41.50 -42.75
C GLN B 60 60.40 -41.51 -44.28
N ILE B 61 59.27 -41.17 -44.87
CA ILE B 61 59.15 -41.12 -46.32
C ILE B 61 60.14 -40.08 -46.84
N LYS B 62 60.02 -38.87 -46.31
CA LYS B 62 60.88 -37.77 -46.71
C LYS B 62 62.34 -38.10 -46.55
N ASN B 63 62.67 -38.87 -45.53
CA ASN B 63 64.07 -39.23 -45.25
C ASN B 63 64.64 -40.23 -46.24
N SER B 64 63.77 -40.92 -46.95
CA SER B 64 64.25 -41.91 -47.91
C SER B 64 64.26 -41.31 -49.31
N LEU B 65 64.00 -40.01 -49.40
CA LEU B 65 63.98 -39.35 -50.69
C LEU B 65 64.89 -38.17 -50.80
N THR B 66 65.53 -37.78 -49.70
CA THR B 66 66.41 -36.63 -49.74
C THR B 66 67.31 -36.50 -48.54
N SER B 67 68.39 -35.76 -48.72
CA SER B 67 69.39 -35.50 -47.70
C SER B 67 70.00 -34.14 -48.03
N LYS B 68 70.63 -33.51 -47.03
CA LYS B 68 71.25 -32.22 -47.28
C LYS B 68 72.57 -32.43 -48.00
N ASP B 69 73.10 -33.65 -47.95
CA ASP B 69 74.35 -33.97 -48.64
C ASP B 69 74.02 -34.34 -50.08
N PRO B 70 74.38 -33.46 -51.03
CA PRO B 70 74.12 -33.66 -52.46
C PRO B 70 74.37 -35.09 -52.87
N ASP B 71 75.47 -35.66 -52.39
CA ASP B 71 75.81 -37.01 -52.76
C ASP B 71 74.77 -37.99 -52.25
N ILE B 72 74.50 -37.97 -50.95
CA ILE B 72 73.50 -38.89 -50.41
C ILE B 72 72.19 -38.68 -51.17
N LYS B 73 71.75 -37.43 -51.27
CA LYS B 73 70.50 -37.09 -51.96
C LYS B 73 70.41 -37.71 -53.37
N ALA B 74 71.50 -37.61 -54.12
CA ALA B 74 71.55 -38.16 -55.48
C ALA B 74 71.24 -39.62 -55.36
N GLN B 75 71.96 -40.27 -54.46
CA GLN B 75 71.80 -41.69 -54.23
C GLN B 75 70.35 -42.10 -53.92
N TYR B 76 69.67 -41.31 -53.08
CA TYR B 76 68.30 -41.62 -52.72
C TYR B 76 67.36 -41.46 -53.90
N GLN B 77 67.52 -40.36 -54.63
CA GLN B 77 66.66 -40.10 -55.77
C GLN B 77 66.73 -41.22 -56.78
N GLN B 78 67.93 -41.76 -56.98
CA GLN B 78 68.10 -42.86 -57.91
C GLN B 78 67.40 -44.07 -57.34
N ARG B 79 67.76 -44.46 -56.12
CA ARG B 79 67.13 -45.61 -55.47
C ARG B 79 65.61 -45.58 -55.64
N TRP B 80 65.04 -44.39 -55.57
CA TRP B 80 63.61 -44.26 -55.72
C TRP B 80 63.18 -44.55 -57.16
N LEU B 81 63.91 -43.98 -58.11
CA LEU B 81 63.57 -44.17 -59.53
C LEU B 81 63.70 -45.64 -59.92
N ALA B 82 64.62 -46.34 -59.29
CA ALA B 82 64.86 -47.75 -59.57
C ALA B 82 63.80 -48.64 -58.95
N ILE B 83 62.92 -48.06 -58.15
CA ILE B 83 61.84 -48.83 -57.51
C ILE B 83 60.73 -49.07 -58.54
N ASP B 84 60.02 -50.18 -58.37
CA ASP B 84 58.92 -50.53 -59.27
C ASP B 84 58.02 -49.30 -59.54
N ALA B 85 57.74 -49.01 -60.81
CA ALA B 85 56.91 -47.88 -61.16
C ALA B 85 55.53 -47.99 -60.53
N ASN B 86 55.05 -49.22 -60.34
CA ASN B 86 53.72 -49.40 -59.76
C ASN B 86 53.69 -49.18 -58.26
N ALA B 87 54.80 -49.47 -57.58
CA ALA B 87 54.88 -49.25 -56.14
C ALA B 87 54.88 -47.73 -55.99
N ARG B 88 55.77 -47.06 -56.74
CA ARG B 88 55.89 -45.62 -56.70
C ARG B 88 54.54 -44.99 -57.06
N ARG B 89 53.88 -45.52 -58.06
CA ARG B 89 52.61 -44.92 -58.44
C ARG B 89 51.65 -44.94 -57.27
N GLU B 90 51.81 -45.92 -56.39
CA GLU B 90 50.92 -46.06 -55.23
C GLU B 90 51.29 -45.12 -54.08
N VAL B 91 52.60 -44.98 -53.85
CA VAL B 91 53.12 -44.09 -52.82
C VAL B 91 52.73 -42.66 -53.21
N LYS B 92 52.93 -42.32 -54.48
CA LYS B 92 52.59 -41.01 -54.99
C LYS B 92 51.10 -40.79 -54.82
N ASN B 93 50.31 -41.78 -55.19
CA ASN B 93 48.88 -41.65 -55.04
C ASN B 93 48.57 -41.32 -53.58
N TYR B 94 49.03 -42.15 -52.63
CA TYR B 94 48.75 -41.90 -51.21
C TYR B 94 49.23 -40.56 -50.68
N VAL B 95 50.48 -40.22 -51.00
CA VAL B 95 51.03 -38.96 -50.56
C VAL B 95 50.12 -37.79 -50.99
N LEU B 96 49.41 -37.95 -52.09
CA LEU B 96 48.58 -36.86 -52.56
C LEU B 96 47.21 -36.68 -51.93
N HIS B 97 46.55 -37.77 -51.53
CA HIS B 97 45.21 -37.71 -50.95
C HIS B 97 45.17 -37.37 -49.49
N THR B 98 46.37 -37.10 -49.00
CA THR B 98 46.61 -36.75 -47.65
C THR B 98 46.31 -35.27 -47.68
N LEU B 99 46.81 -34.62 -48.72
CA LEU B 99 46.67 -33.17 -48.84
C LEU B 99 45.24 -32.74 -48.55
N GLY B 100 45.08 -31.95 -47.51
CA GLY B 100 43.77 -31.48 -47.17
C GLY B 100 43.07 -32.29 -46.09
N THR B 101 43.76 -33.33 -45.59
CA THR B 101 43.23 -34.23 -44.58
C THR B 101 44.00 -34.17 -43.31
N GLU B 102 45.00 -33.29 -43.27
CA GLU B 102 45.81 -33.10 -42.05
C GLU B 102 45.25 -31.90 -41.27
N THR B 103 45.13 -32.08 -39.96
CA THR B 103 44.57 -31.07 -39.08
C THR B 103 45.69 -30.28 -38.42
N TYR B 104 46.87 -30.91 -38.36
CA TYR B 104 48.10 -30.36 -37.78
C TYR B 104 48.96 -29.61 -38.79
N ARG B 105 49.43 -28.41 -38.47
CA ARG B 105 50.31 -27.69 -39.40
C ARG B 105 51.67 -28.00 -38.81
N PRO B 106 52.73 -28.05 -39.60
CA PRO B 106 52.83 -27.89 -41.05
C PRO B 106 52.57 -29.21 -41.76
N SER B 107 52.31 -29.16 -43.07
CA SER B 107 52.03 -30.39 -43.80
C SER B 107 53.21 -31.33 -43.84
N SER B 108 52.92 -32.62 -43.57
CA SER B 108 53.88 -33.70 -43.59
C SER B 108 53.90 -34.31 -45.00
N ALA B 109 52.77 -34.19 -45.70
CA ALA B 109 52.66 -34.72 -47.04
C ALA B 109 53.44 -33.87 -48.06
N SER B 110 53.31 -32.54 -47.95
CA SER B 110 53.97 -31.62 -48.86
C SER B 110 55.48 -31.86 -48.92
N GLN B 111 56.06 -32.29 -47.81
CA GLN B 111 57.49 -32.54 -47.80
C GLN B 111 57.83 -33.82 -48.55
N CYS B 112 56.86 -34.73 -48.64
CA CYS B 112 57.07 -35.98 -49.36
C CYS B 112 56.82 -35.70 -50.83
N VAL B 113 55.79 -34.91 -51.14
CA VAL B 113 55.50 -34.55 -52.53
C VAL B 113 56.74 -33.87 -53.10
N ALA B 114 57.26 -32.91 -52.36
CA ALA B 114 58.45 -32.23 -52.83
C ALA B 114 59.61 -33.20 -52.93
N GLY B 115 59.60 -34.26 -52.13
CA GLY B 115 60.69 -35.22 -52.15
C GLY B 115 60.74 -36.08 -53.39
N ILE B 116 59.58 -36.61 -53.73
CA ILE B 116 59.38 -37.48 -54.88
C ILE B 116 59.49 -36.65 -56.15
N ALA B 117 58.86 -35.48 -56.18
CA ALA B 117 58.93 -34.64 -57.37
C ALA B 117 60.36 -34.26 -57.75
N CYS B 118 61.17 -33.84 -56.77
CA CYS B 118 62.56 -33.48 -57.11
C CYS B 118 63.33 -34.57 -57.81
N ALA B 119 62.90 -35.82 -57.64
CA ALA B 119 63.58 -36.93 -58.27
C ALA B 119 62.87 -37.29 -59.57
N GLU B 120 61.54 -37.20 -59.55
CA GLU B 120 60.74 -37.57 -60.70
C GLU B 120 60.49 -36.52 -61.76
N ILE B 121 60.31 -35.25 -61.35
CA ILE B 121 60.03 -34.21 -62.33
C ILE B 121 61.13 -34.04 -63.37
N PRO B 122 62.41 -34.01 -62.93
CA PRO B 122 63.49 -33.86 -63.91
C PRO B 122 63.59 -35.00 -64.93
N VAL B 123 62.59 -35.87 -64.95
CA VAL B 123 62.58 -37.02 -65.87
C VAL B 123 61.17 -37.24 -66.45
N ASN B 124 60.33 -36.23 -66.32
CA ASN B 124 58.95 -36.29 -66.82
C ASN B 124 58.31 -37.55 -66.30
N GLN B 125 58.60 -37.88 -65.06
CA GLN B 125 58.06 -39.11 -64.50
C GLN B 125 56.78 -38.93 -63.65
N TRP B 126 56.42 -37.70 -63.29
CA TRP B 126 55.18 -37.48 -62.53
C TRP B 126 54.46 -36.28 -63.17
N PRO B 127 54.24 -36.34 -64.49
CA PRO B 127 53.58 -35.28 -65.26
C PRO B 127 52.22 -34.75 -64.79
N GLU B 128 51.51 -35.51 -63.97
CA GLU B 128 50.21 -35.06 -63.50
C GLU B 128 50.33 -34.15 -62.27
N LEU B 129 51.38 -34.34 -61.48
CA LEU B 129 51.56 -33.58 -60.27
C LEU B 129 51.17 -32.09 -60.34
N ILE B 130 51.88 -31.28 -61.14
CA ILE B 130 51.60 -29.86 -61.16
C ILE B 130 50.18 -29.51 -61.51
N PRO B 131 49.61 -30.07 -62.60
CA PRO B 131 48.23 -29.65 -62.84
C PRO B 131 47.31 -29.95 -61.70
N GLN B 132 47.61 -31.05 -61.04
CA GLN B 132 46.81 -31.42 -59.90
C GLN B 132 47.03 -30.43 -58.78
N LEU B 133 48.29 -30.14 -58.48
CA LEU B 133 48.58 -29.18 -57.43
C LEU B 133 47.86 -27.84 -57.72
N VAL B 134 47.95 -27.36 -58.96
CA VAL B 134 47.30 -26.10 -59.31
C VAL B 134 45.78 -26.22 -59.15
N ALA B 135 45.20 -27.26 -59.75
CA ALA B 135 43.78 -27.45 -59.61
C ALA B 135 43.36 -27.43 -58.12
N ASN B 136 44.15 -28.09 -57.27
CA ASN B 136 43.84 -28.11 -55.85
C ASN B 136 43.66 -26.75 -55.26
N VAL B 137 44.53 -25.82 -55.64
CA VAL B 137 44.47 -24.46 -55.10
C VAL B 137 43.37 -23.62 -55.71
N THR B 138 43.23 -23.70 -57.04
CA THR B 138 42.26 -22.89 -57.74
C THR B 138 40.84 -23.41 -57.81
N ASN B 139 40.57 -24.60 -57.27
CA ASN B 139 39.20 -25.08 -57.32
C ASN B 139 38.39 -24.16 -56.38
N PRO B 140 37.24 -23.64 -56.86
CA PRO B 140 36.42 -22.76 -56.04
C PRO B 140 35.79 -23.43 -54.81
N ASN B 141 35.93 -24.73 -54.72
CA ASN B 141 35.38 -25.44 -53.57
C ASN B 141 36.46 -25.94 -52.62
N SER B 142 37.70 -25.89 -53.07
CA SER B 142 38.81 -26.34 -52.24
C SER B 142 38.76 -25.80 -50.83
N THR B 143 38.96 -26.71 -49.87
CA THR B 143 38.95 -26.38 -48.46
C THR B 143 40.08 -25.45 -48.10
N GLU B 144 40.01 -24.93 -46.88
CA GLU B 144 41.04 -24.03 -46.41
C GLU B 144 42.32 -24.82 -46.14
N HIS B 145 42.22 -26.15 -45.98
CA HIS B 145 43.40 -26.99 -45.78
C HIS B 145 43.92 -27.48 -47.13
N MET B 146 43.00 -27.74 -48.03
CA MET B 146 43.34 -28.19 -49.38
C MET B 146 44.33 -27.19 -49.99
N LYS B 147 44.00 -25.89 -49.92
CA LYS B 147 44.86 -24.85 -50.49
C LYS B 147 46.16 -24.69 -49.73
N GLU B 148 46.07 -24.69 -48.41
CA GLU B 148 47.24 -24.49 -47.58
C GLU B 148 48.33 -25.53 -47.70
N SER B 149 47.97 -26.81 -47.62
CA SER B 149 48.95 -27.86 -47.72
C SER B 149 49.44 -27.99 -49.16
N THR B 150 48.56 -27.73 -50.13
CA THR B 150 48.96 -27.80 -51.53
C THR B 150 49.99 -26.73 -51.80
N LEU B 151 49.70 -25.53 -51.32
CA LEU B 151 50.61 -24.40 -51.49
C LEU B 151 51.94 -24.67 -50.81
N GLU B 152 51.93 -25.47 -49.75
CA GLU B 152 53.17 -25.80 -49.07
C GLU B 152 54.01 -26.76 -49.93
N ALA B 153 53.33 -27.62 -50.66
CA ALA B 153 54.00 -28.60 -51.53
C ALA B 153 54.60 -27.85 -52.71
N ILE B 154 53.79 -27.02 -53.36
CA ILE B 154 54.24 -26.19 -54.49
C ILE B 154 55.47 -25.41 -53.99
N GLY B 155 55.35 -24.87 -52.78
CA GLY B 155 56.45 -24.14 -52.18
C GLY B 155 57.74 -24.95 -52.08
N TYR B 156 57.67 -26.17 -51.53
CA TYR B 156 58.85 -27.03 -51.37
C TYR B 156 59.41 -27.45 -52.72
N ILE B 157 58.52 -27.76 -53.67
CA ILE B 157 58.98 -28.14 -54.98
C ILE B 157 59.86 -27.01 -55.54
N CYS B 158 59.31 -25.80 -55.60
CA CYS B 158 60.03 -24.62 -56.12
C CYS B 158 61.36 -24.41 -55.42
N GLN B 159 61.33 -24.47 -54.10
CA GLN B 159 62.51 -24.30 -53.32
C GLN B 159 63.63 -25.28 -53.66
N ASP B 160 63.29 -26.57 -53.78
CA ASP B 160 64.32 -27.61 -53.99
C ASP B 160 64.66 -28.13 -55.37
N ILE B 161 63.84 -27.83 -56.38
CA ILE B 161 64.11 -28.32 -57.73
C ILE B 161 64.73 -27.20 -58.59
N ASP B 162 65.58 -27.54 -59.54
CA ASP B 162 66.20 -26.52 -60.42
C ASP B 162 65.08 -25.69 -61.03
N PRO B 163 65.09 -24.37 -60.83
CA PRO B 163 64.02 -23.53 -61.40
C PRO B 163 64.02 -23.74 -62.90
N GLU B 164 65.14 -24.28 -63.36
CA GLU B 164 65.32 -24.57 -64.74
C GLU B 164 64.19 -25.49 -65.24
N GLN B 165 63.59 -26.24 -64.34
CA GLN B 165 62.55 -27.20 -64.71
C GLN B 165 61.11 -26.89 -64.35
N LEU B 166 60.77 -25.62 -64.32
CA LEU B 166 59.42 -25.27 -63.98
C LEU B 166 58.99 -24.09 -64.82
N GLN B 167 59.93 -23.55 -65.60
CA GLN B 167 59.63 -22.39 -66.43
C GLN B 167 58.51 -22.63 -67.41
N ASP B 168 58.31 -23.88 -67.78
CA ASP B 168 57.27 -24.26 -68.73
C ASP B 168 55.94 -24.55 -68.03
N LYS B 169 55.91 -24.21 -66.75
CA LYS B 169 54.75 -24.40 -65.87
C LYS B 169 54.65 -23.15 -65.01
N SER B 170 55.58 -22.24 -65.23
CA SER B 170 55.66 -20.99 -64.49
C SER B 170 54.34 -20.24 -64.45
N ASN B 171 53.57 -20.27 -65.52
CA ASN B 171 52.32 -19.52 -65.50
C ASN B 171 51.21 -20.20 -64.72
N GLU B 172 51.18 -21.53 -64.79
CA GLU B 172 50.18 -22.33 -64.05
C GLU B 172 50.40 -22.08 -62.56
N ILE B 173 51.60 -22.46 -62.09
CA ILE B 173 52.01 -22.31 -60.71
C ILE B 173 51.74 -20.91 -60.16
N LEU B 174 52.29 -19.88 -60.80
CA LEU B 174 52.11 -18.49 -60.37
C LEU B 174 50.65 -18.16 -60.17
N THR B 175 49.80 -18.73 -61.00
CA THR B 175 48.39 -18.45 -60.86
C THR B 175 47.88 -18.97 -59.53
N ALA B 176 48.25 -20.21 -59.20
CA ALA B 176 47.83 -20.84 -57.96
C ALA B 176 48.44 -20.10 -56.78
N ILE B 177 49.70 -19.73 -56.91
CA ILE B 177 50.35 -18.99 -55.82
C ILE B 177 49.62 -17.66 -55.59
N ILE B 178 49.61 -16.80 -56.60
CA ILE B 178 48.97 -15.47 -56.49
C ILE B 178 47.52 -15.62 -56.03
N GLN B 179 46.95 -16.78 -56.29
CA GLN B 179 45.57 -17.06 -55.90
C GLN B 179 45.39 -17.10 -54.39
N GLY B 180 46.34 -17.75 -53.71
CA GLY B 180 46.27 -17.88 -52.26
C GLY B 180 46.87 -16.69 -51.54
N MET B 181 47.28 -15.68 -52.30
CA MET B 181 47.87 -14.47 -51.73
C MET B 181 46.95 -13.26 -51.79
N ARG B 182 46.07 -13.20 -52.77
CA ARG B 182 45.19 -12.05 -52.90
C ARG B 182 44.31 -11.89 -51.66
N LYS B 183 44.20 -10.65 -51.18
CA LYS B 183 43.44 -10.29 -49.98
C LYS B 183 42.08 -10.97 -49.80
N GLU B 184 41.40 -11.33 -50.89
CA GLU B 184 40.11 -12.00 -50.80
C GLU B 184 40.23 -13.33 -50.03
N GLU B 185 41.44 -13.90 -50.00
CA GLU B 185 41.66 -15.15 -49.29
C GLU B 185 41.39 -14.96 -47.81
N PRO B 186 40.41 -15.68 -47.26
CA PRO B 186 40.03 -15.61 -45.84
C PRO B 186 41.14 -16.00 -44.87
N SER B 187 41.77 -17.15 -45.11
CA SER B 187 42.84 -17.65 -44.23
C SER B 187 44.20 -17.02 -44.40
N ASN B 188 44.81 -16.60 -43.29
CA ASN B 188 46.14 -16.04 -43.37
C ASN B 188 47.16 -17.17 -43.47
N ASN B 189 46.77 -18.37 -43.05
CA ASN B 189 47.64 -19.54 -43.13
C ASN B 189 47.86 -19.93 -44.59
N VAL B 190 46.79 -19.88 -45.36
CA VAL B 190 46.87 -20.14 -46.78
C VAL B 190 47.70 -18.99 -47.34
N LYS B 191 47.38 -17.77 -46.94
CA LYS B 191 48.11 -16.62 -47.44
C LYS B 191 49.60 -16.74 -47.12
N LEU B 192 49.90 -17.31 -45.96
CA LEU B 192 51.28 -17.52 -45.55
C LEU B 192 51.98 -18.58 -46.41
N ALA B 193 51.24 -19.64 -46.71
CA ALA B 193 51.79 -20.72 -47.52
C ALA B 193 52.10 -20.18 -48.90
N ALA B 194 51.13 -19.45 -49.43
CA ALA B 194 51.22 -18.85 -50.75
C ALA B 194 52.41 -17.91 -50.86
N THR B 195 52.59 -17.05 -49.85
CA THR B 195 53.68 -16.09 -49.89
C THR B 195 55.08 -16.72 -49.85
N ASN B 196 55.25 -17.82 -49.11
CA ASN B 196 56.57 -18.46 -49.06
C ASN B 196 56.78 -19.23 -50.36
N ALA B 197 55.67 -19.59 -51.01
CA ALA B 197 55.76 -20.31 -52.27
C ALA B 197 56.27 -19.32 -53.30
N LEU B 198 55.72 -18.11 -53.30
CA LEU B 198 56.14 -17.11 -54.27
C LEU B 198 57.64 -16.86 -54.13
N LEU B 199 58.09 -16.79 -52.89
CA LEU B 199 59.49 -16.52 -52.62
C LEU B 199 60.48 -17.41 -53.37
N ASN B 200 60.10 -18.65 -53.61
CA ASN B 200 60.98 -19.58 -54.29
C ASN B 200 60.67 -19.69 -55.75
N SER B 201 59.60 -19.04 -56.21
CA SER B 201 59.23 -19.11 -57.60
C SER B 201 59.67 -17.90 -58.43
N LEU B 202 60.30 -16.92 -57.80
CA LEU B 202 60.73 -15.73 -58.54
C LEU B 202 61.75 -16.08 -59.62
N GLU B 203 62.55 -17.12 -59.35
CA GLU B 203 63.59 -17.57 -60.28
C GLU B 203 63.07 -17.86 -61.68
N PHE B 204 61.83 -18.30 -61.79
CA PHE B 204 61.27 -18.60 -63.11
C PHE B 204 59.97 -17.88 -63.44
N THR B 205 59.85 -16.62 -63.01
CA THR B 205 58.69 -15.82 -63.31
C THR B 205 59.16 -14.61 -64.08
N LYS B 206 60.42 -14.65 -64.49
CA LYS B 206 61.04 -13.56 -65.24
C LYS B 206 60.18 -13.12 -66.41
N ALA B 207 59.56 -14.11 -67.05
CA ALA B 207 58.69 -13.88 -68.19
C ALA B 207 57.43 -13.14 -67.76
N ASN B 208 57.09 -13.28 -66.49
CA ASN B 208 55.91 -12.65 -65.93
C ASN B 208 56.28 -11.27 -65.37
N PHE B 209 57.52 -11.12 -64.97
CA PHE B 209 57.96 -9.84 -64.43
C PHE B 209 58.21 -8.88 -65.58
N ASP B 210 58.22 -9.41 -66.80
CA ASP B 210 58.44 -8.57 -67.94
C ASP B 210 57.15 -7.99 -68.47
N LYS B 211 56.04 -8.71 -68.36
CA LYS B 211 54.78 -8.14 -68.81
C LYS B 211 54.30 -7.21 -67.68
N GLU B 212 54.38 -5.90 -67.89
CA GLU B 212 53.97 -4.92 -66.87
C GLU B 212 52.53 -5.10 -66.37
N SER B 213 51.69 -5.71 -67.17
CA SER B 213 50.32 -5.97 -66.75
C SER B 213 50.33 -6.87 -65.51
N GLU B 214 51.11 -7.94 -65.59
CA GLU B 214 51.24 -8.94 -64.53
C GLU B 214 52.18 -8.47 -63.41
N ARG B 215 53.31 -7.85 -63.76
CA ARG B 215 54.24 -7.37 -62.74
C ARG B 215 53.51 -6.43 -61.79
N HIS B 216 52.61 -5.60 -62.32
CA HIS B 216 51.86 -4.67 -61.47
C HIS B 216 50.94 -5.43 -60.54
N PHE B 217 50.45 -6.57 -60.98
CA PHE B 217 49.56 -7.34 -60.12
C PHE B 217 50.33 -8.11 -59.04
N ILE B 218 51.45 -8.72 -59.43
CA ILE B 218 52.29 -9.44 -58.49
C ILE B 218 52.72 -8.46 -57.40
N MET B 219 53.28 -7.33 -57.82
CA MET B 219 53.72 -6.29 -56.86
C MET B 219 52.60 -5.78 -55.96
N GLN B 220 51.38 -5.65 -56.46
CA GLN B 220 50.34 -5.16 -55.59
C GLN B 220 50.01 -6.25 -54.57
N VAL B 221 49.94 -7.49 -55.04
CA VAL B 221 49.64 -8.60 -54.14
C VAL B 221 50.67 -8.70 -53.06
N VAL B 222 51.95 -8.62 -53.43
CA VAL B 222 52.99 -8.68 -52.44
C VAL B 222 52.83 -7.55 -51.45
N CYS B 223 52.72 -6.31 -51.95
CA CYS B 223 52.58 -5.17 -51.06
C CYS B 223 51.42 -5.31 -50.09
N GLU B 224 50.22 -5.59 -50.58
CA GLU B 224 49.07 -5.74 -49.68
C GLU B 224 49.33 -6.77 -48.57
N ALA B 225 50.27 -7.67 -48.84
CA ALA B 225 50.62 -8.70 -47.88
C ALA B 225 51.60 -8.20 -46.82
N THR B 226 52.35 -7.13 -47.09
CA THR B 226 53.28 -6.66 -46.06
C THR B 226 52.46 -5.93 -44.99
N GLN B 227 51.16 -5.83 -45.26
CA GLN B 227 50.24 -5.17 -44.37
C GLN B 227 49.41 -6.17 -43.58
N CYS B 228 49.65 -7.45 -43.80
CA CYS B 228 48.87 -8.46 -43.14
C CYS B 228 49.06 -8.43 -41.63
N PRO B 229 47.95 -8.50 -40.88
CA PRO B 229 47.97 -8.48 -39.42
C PRO B 229 48.68 -9.68 -38.83
N ASP B 230 48.95 -10.69 -39.66
CA ASP B 230 49.67 -11.89 -39.20
C ASP B 230 51.16 -11.65 -39.47
N THR B 231 51.94 -11.33 -38.43
CA THR B 231 53.34 -11.06 -38.64
C THR B 231 54.04 -12.01 -39.61
N ARG B 232 53.74 -13.31 -39.53
CA ARG B 232 54.44 -14.23 -40.40
C ARG B 232 54.22 -13.92 -41.88
N VAL B 233 52.97 -13.73 -42.30
CA VAL B 233 52.66 -13.37 -43.67
C VAL B 233 53.43 -12.10 -44.01
N ARG B 234 53.37 -11.13 -43.11
CA ARG B 234 54.05 -9.86 -43.30
C ARG B 234 55.54 -10.05 -43.56
N VAL B 235 56.19 -10.83 -42.71
CA VAL B 235 57.62 -11.08 -42.87
C VAL B 235 57.93 -11.79 -44.19
N ALA B 236 57.08 -12.72 -44.60
CA ALA B 236 57.31 -13.43 -45.83
C ALA B 236 57.16 -12.48 -47.01
N ALA B 237 56.17 -11.58 -46.92
CA ALA B 237 55.91 -10.60 -47.98
C ALA B 237 57.13 -9.69 -48.15
N LEU B 238 57.71 -9.24 -47.03
CA LEU B 238 58.90 -8.39 -47.07
C LEU B 238 60.07 -9.16 -47.70
N GLN B 239 60.08 -10.46 -47.48
CA GLN B 239 61.12 -11.33 -47.99
C GLN B 239 61.10 -11.38 -49.51
N ASN B 240 59.91 -11.31 -50.09
CA ASN B 240 59.81 -11.30 -51.53
C ASN B 240 60.35 -9.96 -52.03
N LEU B 241 59.88 -8.85 -51.43
CA LEU B 241 60.35 -7.52 -51.83
C LEU B 241 61.87 -7.53 -51.83
N VAL B 242 62.46 -8.22 -50.85
CA VAL B 242 63.91 -8.23 -50.81
C VAL B 242 64.53 -8.98 -51.98
N LYS B 243 63.86 -10.04 -52.43
CA LYS B 243 64.37 -10.86 -53.53
C LYS B 243 63.99 -10.24 -54.88
N ILE B 244 62.78 -9.71 -54.95
CA ILE B 244 62.33 -9.06 -56.16
C ILE B 244 63.29 -7.90 -56.45
N MET B 245 63.74 -7.22 -55.40
CA MET B 245 64.66 -6.11 -55.57
C MET B 245 65.99 -6.55 -56.18
N SER B 246 66.43 -7.77 -55.89
CA SER B 246 67.70 -8.20 -56.44
C SER B 246 67.51 -8.94 -57.75
N LEU B 247 66.29 -9.37 -58.03
CA LEU B 247 66.05 -10.10 -59.27
C LEU B 247 65.33 -9.26 -60.31
N TYR B 248 64.66 -8.19 -59.89
CA TYR B 248 63.91 -7.39 -60.83
C TYR B 248 64.03 -5.88 -60.50
N TYR B 249 65.28 -5.42 -60.34
CA TYR B 249 65.60 -4.03 -60.00
C TYR B 249 65.20 -3.03 -61.05
N GLN B 250 65.40 -3.41 -62.31
CA GLN B 250 65.12 -2.53 -63.42
C GLN B 250 63.65 -2.23 -63.55
N TYR B 251 62.80 -2.90 -62.79
CA TYR B 251 61.36 -2.68 -62.85
C TYR B 251 60.80 -2.00 -61.63
N MET B 252 61.67 -1.62 -60.70
CA MET B 252 61.22 -1.03 -59.46
C MET B 252 60.83 0.45 -59.43
N GLU B 253 61.01 1.18 -60.53
CA GLU B 253 60.70 2.61 -60.61
C GLU B 253 59.25 2.95 -60.23
N THR B 254 58.31 2.19 -60.80
CA THR B 254 56.90 2.41 -60.59
C THR B 254 56.45 2.31 -59.16
N TYR B 255 57.08 1.41 -58.40
CA TYR B 255 56.69 1.13 -57.03
C TYR B 255 57.58 1.74 -55.96
N MET B 256 58.89 1.74 -56.21
CA MET B 256 59.90 2.25 -55.29
C MET B 256 59.47 3.57 -54.67
N GLY B 257 59.27 4.58 -55.50
CA GLY B 257 58.90 5.88 -54.99
C GLY B 257 57.62 5.91 -54.18
N PRO B 258 56.50 5.46 -54.73
CA PRO B 258 55.25 5.49 -53.99
C PRO B 258 54.92 4.31 -53.05
N ALA B 259 55.77 3.30 -52.93
CA ALA B 259 55.39 2.17 -52.06
C ALA B 259 56.50 1.53 -51.25
N LEU B 260 57.42 0.88 -51.96
CA LEU B 260 58.54 0.22 -51.28
C LEU B 260 59.19 1.11 -50.23
N PHE B 261 59.69 2.27 -50.63
CA PHE B 261 60.33 3.17 -49.68
C PHE B 261 59.61 3.24 -48.32
N ALA B 262 58.31 3.52 -48.35
CA ALA B 262 57.50 3.63 -47.14
C ALA B 262 57.47 2.32 -46.34
N ILE B 263 57.17 1.23 -47.03
CA ILE B 263 57.07 -0.10 -46.44
C ILE B 263 58.40 -0.52 -45.82
N THR B 264 59.46 -0.55 -46.61
CA THR B 264 60.72 -0.98 -46.07
C THR B 264 61.23 -0.07 -44.96
N ILE B 265 61.01 1.25 -45.07
CA ILE B 265 61.45 2.19 -44.02
C ILE B 265 60.73 1.88 -42.71
N GLU B 266 59.41 1.77 -42.77
CA GLU B 266 58.64 1.43 -41.60
C GLU B 266 59.07 0.07 -41.06
N ALA B 267 59.25 -0.90 -41.95
CA ALA B 267 59.67 -2.23 -41.53
C ALA B 267 60.93 -2.12 -40.67
N MET B 268 61.91 -1.31 -41.11
CA MET B 268 63.14 -1.16 -40.35
C MET B 268 62.93 -0.62 -38.93
N LYS B 269 61.76 -0.05 -38.70
CA LYS B 269 61.43 0.51 -37.40
C LYS B 269 60.64 -0.43 -36.50
N SER B 270 59.95 -1.41 -37.06
CA SER B 270 59.15 -2.34 -36.27
C SER B 270 59.96 -2.85 -35.08
N ASP B 271 59.28 -3.01 -33.94
CA ASP B 271 59.95 -3.52 -32.74
C ASP B 271 60.29 -5.00 -32.96
N ILE B 272 59.55 -5.64 -33.85
CA ILE B 272 59.76 -7.05 -34.16
C ILE B 272 61.04 -7.22 -34.94
N ASP B 273 62.09 -7.66 -34.26
CA ASP B 273 63.39 -7.86 -34.89
C ASP B 273 63.38 -8.54 -36.25
N GLU B 274 62.48 -9.50 -36.44
CA GLU B 274 62.44 -10.23 -37.69
C GLU B 274 61.95 -9.37 -38.86
N VAL B 275 61.10 -8.38 -38.56
CA VAL B 275 60.60 -7.48 -39.59
C VAL B 275 61.65 -6.41 -39.86
N ALA B 276 62.24 -5.87 -38.79
CA ALA B 276 63.30 -4.87 -38.96
C ALA B 276 64.42 -5.52 -39.76
N LEU B 277 64.71 -6.78 -39.49
CA LEU B 277 65.75 -7.49 -40.23
C LEU B 277 65.53 -7.47 -41.76
N GLN B 278 64.27 -7.63 -42.17
CA GLN B 278 63.96 -7.65 -43.59
C GLN B 278 64.11 -6.23 -44.16
N GLY B 279 63.57 -5.22 -43.47
CA GLY B 279 63.69 -3.85 -43.95
C GLY B 279 65.15 -3.56 -44.32
N ILE B 280 66.04 -3.84 -43.38
CA ILE B 280 67.46 -3.62 -43.57
C ILE B 280 68.01 -4.43 -44.73
N GLU B 281 67.76 -5.73 -44.73
CA GLU B 281 68.27 -6.57 -45.81
C GLU B 281 67.79 -6.07 -47.18
N PHE B 282 66.72 -5.29 -47.22
CA PHE B 282 66.18 -4.76 -48.46
C PHE B 282 67.02 -3.59 -48.89
N TRP B 283 67.31 -2.69 -47.97
CA TRP B 283 68.11 -1.55 -48.35
C TRP B 283 69.63 -1.93 -48.41
N SER B 284 69.97 -3.20 -48.30
CA SER B 284 71.38 -3.64 -48.31
C SER B 284 71.51 -4.26 -49.68
N ASN B 285 70.40 -4.86 -50.09
CA ASN B 285 70.36 -5.49 -51.37
C ASN B 285 70.35 -4.46 -52.48
N VAL B 286 69.82 -3.26 -52.17
CA VAL B 286 69.79 -2.17 -53.14
C VAL B 286 71.22 -1.73 -53.35
N CYS B 287 71.89 -1.40 -52.24
CA CYS B 287 73.28 -1.01 -52.28
C CYS B 287 74.09 -1.99 -53.08
N ASP B 288 73.91 -3.27 -52.81
CA ASP B 288 74.65 -4.29 -53.52
C ASP B 288 74.38 -4.20 -55.02
N GLU B 289 73.10 -4.18 -55.40
CA GLU B 289 72.68 -4.09 -56.80
C GLU B 289 73.26 -2.87 -57.48
N GLU B 290 73.17 -1.75 -56.77
CA GLU B 290 73.68 -0.50 -57.27
C GLU B 290 75.19 -0.45 -57.36
N MET B 291 75.89 -1.22 -56.54
CA MET B 291 77.34 -1.23 -56.61
C MET B 291 77.85 -1.98 -57.81
N ASP B 292 77.18 -3.09 -58.16
CA ASP B 292 77.58 -3.87 -59.32
C ASP B 292 77.27 -3.06 -60.56
N LEU B 293 76.23 -2.24 -60.48
CA LEU B 293 75.87 -1.39 -61.61
C LEU B 293 76.95 -0.36 -61.85
N ALA B 294 77.46 0.23 -60.78
CA ALA B 294 78.52 1.23 -60.89
C ALA B 294 79.70 0.64 -61.66
N ILE B 295 79.92 -0.66 -61.45
CA ILE B 295 81.00 -1.40 -62.12
C ILE B 295 80.62 -1.62 -63.58
N GLU B 296 79.46 -2.25 -63.77
CA GLU B 296 78.95 -2.52 -65.10
C GLU B 296 78.90 -1.23 -65.91
N ALA B 297 78.68 -0.11 -65.21
CA ALA B 297 78.60 1.20 -65.83
C ALA B 297 79.98 1.69 -66.19
N SER B 298 80.91 1.58 -65.24
CA SER B 298 82.28 2.01 -65.45
C SER B 298 82.98 1.18 -66.54
N GLU B 299 82.67 -0.11 -66.58
CA GLU B 299 83.27 -0.99 -67.58
C GLU B 299 82.86 -0.54 -68.98
N ALA B 300 81.62 -0.07 -69.13
CA ALA B 300 81.14 0.38 -70.42
C ALA B 300 81.75 1.74 -70.76
N ALA B 301 82.36 2.37 -69.77
CA ALA B 301 83.00 3.68 -69.98
C ALA B 301 84.23 3.47 -70.86
N GLU B 302 85.01 2.44 -70.55
CA GLU B 302 86.19 2.15 -71.35
C GLU B 302 85.76 1.75 -72.74
N GLN B 303 84.76 0.89 -72.81
CA GLN B 303 84.27 0.41 -74.09
C GLN B 303 83.46 1.47 -74.85
N GLY B 304 83.51 2.71 -74.36
CA GLY B 304 82.82 3.83 -74.98
C GLY B 304 81.36 3.65 -75.42
N ARG B 305 80.65 2.74 -74.78
CA ARG B 305 79.24 2.47 -75.09
C ARG B 305 78.44 2.44 -73.78
N PRO B 306 77.09 2.53 -73.88
CA PRO B 306 76.23 2.51 -72.69
C PRO B 306 76.03 1.13 -72.07
N PRO B 307 76.01 1.06 -70.74
CA PRO B 307 75.81 -0.21 -70.04
C PRO B 307 74.43 -0.79 -70.37
N GLU B 308 74.28 -2.09 -70.16
CA GLU B 308 73.01 -2.76 -70.45
C GLU B 308 71.90 -2.24 -69.58
N HIS B 309 72.21 -2.05 -68.30
CA HIS B 309 71.26 -1.55 -67.32
C HIS B 309 71.91 -0.40 -66.56
N THR B 310 71.07 0.56 -66.17
CA THR B 310 71.53 1.74 -65.45
C THR B 310 70.99 1.84 -64.02
N SER B 311 71.83 2.28 -63.11
CA SER B 311 71.44 2.45 -61.71
C SER B 311 70.46 3.64 -61.58
N LYS B 312 69.63 3.62 -60.54
CA LYS B 312 68.69 4.72 -60.32
C LYS B 312 69.05 5.41 -59.00
N PHE B 313 70.16 4.97 -58.40
CA PHE B 313 70.66 5.54 -57.17
C PHE B 313 69.62 5.69 -56.06
N TYR B 314 68.84 4.64 -55.82
CA TYR B 314 67.82 4.68 -54.78
C TYR B 314 68.51 4.78 -53.44
N ALA B 315 69.63 4.06 -53.28
CA ALA B 315 70.37 4.07 -52.02
C ALA B 315 70.78 5.51 -51.65
N LYS B 316 71.46 6.18 -52.57
CA LYS B 316 71.92 7.55 -52.35
C LYS B 316 70.77 8.52 -52.10
N GLY B 317 69.60 8.22 -52.68
CA GLY B 317 68.46 9.07 -52.49
C GLY B 317 67.73 8.86 -51.17
N ALA B 318 68.07 7.77 -50.46
CA ALA B 318 67.44 7.46 -49.17
C ALA B 318 68.36 7.73 -47.99
N LEU B 319 69.62 8.01 -48.32
CA LEU B 319 70.68 8.32 -47.35
C LEU B 319 70.14 9.23 -46.25
N GLN B 320 69.24 10.13 -46.61
CA GLN B 320 68.66 11.06 -45.66
C GLN B 320 67.85 10.36 -44.60
N TYR B 321 67.11 9.32 -44.96
CA TYR B 321 66.28 8.65 -43.99
C TYR B 321 66.85 7.35 -43.49
N LEU B 322 67.76 6.78 -44.25
CA LEU B 322 68.39 5.52 -43.88
C LEU B 322 69.34 5.69 -42.71
N VAL B 323 70.37 6.49 -42.92
CA VAL B 323 71.38 6.72 -41.90
C VAL B 323 70.86 6.84 -40.47
N PRO B 324 69.97 7.79 -40.21
CA PRO B 324 69.49 7.87 -38.82
C PRO B 324 68.87 6.57 -38.25
N ILE B 325 68.21 5.77 -39.10
CA ILE B 325 67.63 4.52 -38.64
C ILE B 325 68.72 3.47 -38.38
N LEU B 326 69.71 3.38 -39.27
CA LEU B 326 70.81 2.43 -39.11
C LEU B 326 71.59 2.69 -37.81
N THR B 327 72.06 3.93 -37.63
CA THR B 327 72.78 4.36 -36.43
C THR B 327 71.92 4.12 -35.18
N GLN B 328 70.64 4.42 -35.28
CA GLN B 328 69.72 4.23 -34.16
C GLN B 328 69.51 2.75 -33.86
N THR B 329 69.74 1.91 -34.88
CA THR B 329 69.59 0.46 -34.75
C THR B 329 70.83 -0.11 -34.06
N LEU B 330 71.96 0.56 -34.23
CA LEU B 330 73.22 0.14 -33.63
C LEU B 330 73.13 0.23 -32.12
N THR B 331 72.07 0.88 -31.63
CA THR B 331 71.84 1.05 -30.19
C THR B 331 71.22 -0.19 -29.60
N LYS B 332 70.67 -1.03 -30.46
CA LYS B 332 70.04 -2.29 -30.04
C LYS B 332 71.13 -3.34 -29.91
N GLN B 333 72.08 -3.04 -29.02
CA GLN B 333 73.22 -3.90 -28.74
C GLN B 333 72.85 -5.10 -27.88
N ASP B 334 73.61 -6.17 -28.04
CA ASP B 334 73.40 -7.38 -27.28
C ASP B 334 74.29 -7.33 -26.03
N GLU B 335 73.65 -7.05 -24.91
CA GLU B 335 74.30 -6.92 -23.60
C GLU B 335 75.15 -8.08 -23.12
N ASN B 336 74.62 -9.30 -23.17
CA ASN B 336 75.36 -10.44 -22.67
C ASN B 336 75.64 -11.60 -23.59
N ASP B 337 75.00 -11.63 -24.75
CA ASP B 337 75.16 -12.79 -25.63
C ASP B 337 75.95 -12.78 -26.97
N ASP B 338 75.25 -13.36 -27.92
CA ASP B 338 75.58 -13.64 -29.28
C ASP B 338 76.75 -12.89 -29.86
N ASP B 339 77.74 -13.63 -30.29
CA ASP B 339 78.90 -13.03 -30.92
C ASP B 339 78.68 -13.38 -32.38
N ASP B 340 77.85 -14.41 -32.59
CA ASP B 340 77.53 -14.92 -33.91
C ASP B 340 76.18 -14.40 -34.38
N ASP B 341 75.22 -14.32 -33.47
CA ASP B 341 73.85 -13.89 -33.80
C ASP B 341 73.66 -12.73 -34.80
N TRP B 342 72.59 -12.88 -35.58
CA TRP B 342 72.21 -11.92 -36.58
C TRP B 342 70.99 -11.18 -36.11
N ASN B 343 71.21 -10.06 -35.44
CA ASN B 343 70.13 -9.24 -34.95
C ASN B 343 70.13 -7.95 -35.77
N PRO B 344 69.13 -7.07 -35.59
CA PRO B 344 69.08 -5.81 -36.34
C PRO B 344 70.39 -5.05 -36.22
N CYS B 345 70.97 -5.06 -35.03
CA CYS B 345 72.23 -4.37 -34.78
C CYS B 345 73.31 -4.85 -35.76
N LYS B 346 73.56 -6.15 -35.79
CA LYS B 346 74.55 -6.73 -36.70
C LYS B 346 74.21 -6.33 -38.14
N ALA B 347 72.93 -6.47 -38.48
CA ALA B 347 72.42 -6.15 -39.81
C ALA B 347 72.71 -4.70 -40.19
N ALA B 348 72.23 -3.79 -39.35
CA ALA B 348 72.42 -2.36 -39.55
C ALA B 348 73.86 -2.01 -39.85
N GLY B 349 74.76 -2.45 -38.99
CA GLY B 349 76.17 -2.17 -39.21
C GLY B 349 76.70 -2.64 -40.55
N VAL B 350 76.37 -3.86 -40.94
CA VAL B 350 76.86 -4.36 -42.22
C VAL B 350 76.26 -3.49 -43.30
N CYS B 351 74.99 -3.15 -43.10
CA CYS B 351 74.25 -2.34 -44.04
C CYS B 351 74.92 -0.98 -44.20
N LEU B 352 75.22 -0.36 -43.07
CA LEU B 352 75.87 0.94 -43.09
C LEU B 352 77.15 0.89 -43.90
N MET B 353 77.97 -0.14 -43.67
CA MET B 353 79.20 -0.28 -44.43
C MET B 353 78.91 -0.30 -45.93
N LEU B 354 77.82 -0.95 -46.33
CA LEU B 354 77.44 -0.99 -47.73
C LEU B 354 77.04 0.41 -48.19
N LEU B 355 76.20 1.07 -47.39
CA LEU B 355 75.75 2.42 -47.72
C LEU B 355 76.97 3.31 -47.93
N ALA B 356 77.98 3.09 -47.11
CA ALA B 356 79.21 3.86 -47.21
C ALA B 356 79.82 3.66 -48.59
N THR B 357 80.31 2.45 -48.84
CA THR B 357 80.94 2.09 -50.11
C THR B 357 80.04 2.47 -51.29
N CYS B 358 78.76 2.67 -51.03
CA CYS B 358 77.83 3.07 -52.08
C CYS B 358 77.83 4.58 -52.23
N CYS B 359 77.21 5.29 -51.29
CA CYS B 359 77.16 6.75 -51.32
C CYS B 359 78.50 7.36 -50.88
N GLU B 360 79.57 6.68 -51.24
CA GLU B 360 80.93 7.07 -50.91
C GLU B 360 81.19 8.28 -50.00
N ASP B 361 81.20 9.49 -50.55
CA ASP B 361 81.50 10.65 -49.72
C ASP B 361 80.37 11.16 -48.90
N ASP B 362 79.22 11.21 -49.51
CA ASP B 362 78.04 11.75 -48.87
C ASP B 362 77.54 10.95 -47.69
N ILE B 363 78.35 9.99 -47.22
CA ILE B 363 77.92 9.17 -46.07
C ILE B 363 78.33 9.86 -44.80
N VAL B 364 79.58 10.33 -44.75
CA VAL B 364 80.12 11.02 -43.57
C VAL B 364 79.28 12.18 -42.99
N PRO B 365 78.95 13.19 -43.79
CA PRO B 365 78.16 14.29 -43.24
C PRO B 365 76.82 13.87 -42.64
N HIS B 366 76.36 12.65 -42.89
CA HIS B 366 75.09 12.24 -42.31
C HIS B 366 75.30 11.46 -41.02
N VAL B 367 76.43 10.76 -40.96
CA VAL B 367 76.81 9.95 -39.80
C VAL B 367 77.48 10.75 -38.66
N LEU B 368 78.38 11.66 -39.00
CA LEU B 368 79.07 12.47 -37.99
C LEU B 368 78.17 13.01 -36.87
N PRO B 369 77.10 13.73 -37.22
CA PRO B 369 76.21 14.28 -36.18
C PRO B 369 75.83 13.28 -35.10
N PHE B 370 75.67 12.02 -35.48
CA PHE B 370 75.30 11.00 -34.49
C PHE B 370 76.53 10.64 -33.67
N ILE B 371 77.67 10.44 -34.35
CA ILE B 371 78.92 10.09 -33.69
C ILE B 371 79.27 11.14 -32.64
N LYS B 372 79.27 12.42 -33.03
CA LYS B 372 79.55 13.53 -32.12
C LYS B 372 78.67 13.39 -30.88
N GLU B 373 77.39 13.69 -31.05
CA GLU B 373 76.41 13.64 -29.96
C GLU B 373 76.41 12.40 -29.08
N HIS B 374 77.14 11.35 -29.44
CA HIS B 374 77.09 10.15 -28.62
C HIS B 374 78.41 9.49 -28.22
N ILE B 375 79.49 9.78 -28.93
CA ILE B 375 80.77 9.14 -28.62
C ILE B 375 81.11 9.24 -27.14
N LYS B 376 80.57 10.25 -26.48
CA LYS B 376 80.78 10.46 -25.06
C LYS B 376 79.41 10.40 -24.39
N ASN B 377 78.83 9.21 -24.31
CA ASN B 377 77.52 9.05 -23.71
C ASN B 377 77.55 8.12 -22.49
N PRO B 378 76.73 8.42 -21.49
CA PRO B 378 76.70 7.56 -20.29
C PRO B 378 76.37 6.15 -20.73
N ASP B 379 75.36 6.01 -21.56
CA ASP B 379 74.91 4.71 -22.03
C ASP B 379 75.97 4.02 -22.90
N TRP B 380 76.47 2.88 -22.42
CA TRP B 380 77.50 2.15 -23.15
C TRP B 380 77.04 1.81 -24.56
N ARG B 381 75.73 1.63 -24.72
CA ARG B 381 75.16 1.31 -26.01
C ARG B 381 75.45 2.41 -27.03
N TYR B 382 74.97 3.61 -26.73
CA TYR B 382 75.17 4.74 -27.62
C TYR B 382 76.64 5.04 -27.82
N ARG B 383 77.41 4.92 -26.74
CA ARG B 383 78.85 5.16 -26.81
C ARG B 383 79.46 4.17 -27.80
N ASP B 384 78.96 2.93 -27.78
CA ASP B 384 79.46 1.91 -28.69
C ASP B 384 78.94 2.15 -30.09
N ALA B 385 77.67 2.58 -30.18
CA ALA B 385 77.06 2.87 -31.46
C ALA B 385 77.91 3.89 -32.19
N ALA B 386 78.12 5.05 -31.57
CA ALA B 386 78.92 6.11 -32.15
C ALA B 386 80.26 5.58 -32.63
N VAL B 387 80.95 4.81 -31.79
CA VAL B 387 82.24 4.25 -32.18
C VAL B 387 82.07 3.26 -33.33
N MET B 388 80.95 2.55 -33.30
CA MET B 388 80.60 1.56 -34.32
C MET B 388 80.41 2.24 -35.67
N ALA B 389 79.48 3.20 -35.70
CA ALA B 389 79.15 3.96 -36.89
C ALA B 389 80.40 4.59 -37.49
N PHE B 390 81.26 5.13 -36.64
CA PHE B 390 82.48 5.74 -37.14
C PHE B 390 83.33 4.69 -37.85
N GLY B 391 83.32 3.47 -37.33
CA GLY B 391 84.11 2.40 -37.91
C GLY B 391 83.56 1.92 -39.25
N CYS B 392 82.26 2.15 -39.45
CA CYS B 392 81.59 1.71 -40.68
C CYS B 392 81.80 2.62 -41.88
N ILE B 393 81.77 3.92 -41.63
CA ILE B 393 81.95 4.89 -42.69
C ILE B 393 83.39 5.00 -43.15
N LEU B 394 84.29 4.30 -42.46
CA LEU B 394 85.72 4.34 -42.79
C LEU B 394 86.07 3.85 -44.19
N GLU B 395 85.27 2.95 -44.75
CA GLU B 395 85.56 2.47 -46.10
C GLU B 395 84.44 2.87 -47.04
N GLY B 396 84.68 3.92 -47.80
CA GLY B 396 83.71 4.43 -48.74
C GLY B 396 84.18 5.80 -49.16
N PRO B 397 84.18 6.79 -48.25
CA PRO B 397 84.63 8.15 -48.57
C PRO B 397 86.08 8.11 -49.01
N GLU B 398 86.47 9.07 -49.83
CA GLU B 398 87.85 9.12 -50.32
C GLU B 398 88.81 8.97 -49.12
N PRO B 399 89.77 8.02 -49.19
CA PRO B 399 90.74 7.75 -48.11
C PRO B 399 91.41 9.02 -47.61
N SER B 400 91.71 9.93 -48.53
CA SER B 400 92.34 11.19 -48.17
C SER B 400 91.34 12.10 -47.46
N GLN B 401 90.15 12.26 -48.05
CA GLN B 401 89.09 13.09 -47.49
C GLN B 401 88.74 12.66 -46.05
N LEU B 402 89.14 11.45 -45.69
CA LEU B 402 88.86 10.89 -44.37
C LEU B 402 89.94 11.22 -43.34
N LYS B 403 91.20 11.28 -43.78
CA LYS B 403 92.32 11.54 -42.87
C LYS B 403 92.07 12.67 -41.86
N PRO B 404 91.66 13.85 -42.32
CA PRO B 404 91.42 14.94 -41.37
C PRO B 404 90.48 14.51 -40.25
N LEU B 405 89.40 13.83 -40.60
CA LEU B 405 88.41 13.36 -39.62
C LEU B 405 89.02 12.30 -38.72
N VAL B 406 89.87 11.47 -39.32
CA VAL B 406 90.53 10.38 -38.62
C VAL B 406 91.50 10.87 -37.52
N ILE B 407 92.17 11.99 -37.77
CA ILE B 407 93.10 12.55 -36.79
C ILE B 407 92.34 13.05 -35.56
N GLN B 408 91.46 14.02 -35.79
CA GLN B 408 90.66 14.59 -34.71
C GLN B 408 89.89 13.51 -33.95
N ALA B 409 89.59 12.41 -34.61
CA ALA B 409 88.85 11.30 -33.98
C ALA B 409 89.80 10.52 -33.10
N MET B 410 91.00 10.29 -33.62
CA MET B 410 92.04 9.54 -32.95
C MET B 410 92.11 9.59 -31.42
N PRO B 411 91.96 10.78 -30.80
CA PRO B 411 92.03 10.87 -29.34
C PRO B 411 91.02 9.98 -28.67
N THR B 412 89.78 10.43 -28.64
CA THR B 412 88.69 9.70 -28.05
C THR B 412 88.67 8.24 -28.48
N LEU B 413 89.08 7.99 -29.73
CA LEU B 413 89.11 6.63 -30.26
C LEU B 413 90.05 5.75 -29.43
N ILE B 414 91.06 6.38 -28.84
CA ILE B 414 92.00 5.67 -28.01
C ILE B 414 91.41 5.53 -26.60
N GLU B 415 90.95 6.64 -26.02
CA GLU B 415 90.37 6.64 -24.69
C GLU B 415 89.45 5.42 -24.57
N LEU B 416 88.55 5.32 -25.55
CA LEU B 416 87.57 4.26 -25.60
C LEU B 416 88.15 2.84 -25.54
N MET B 417 89.36 2.65 -26.03
CA MET B 417 89.97 1.33 -25.98
C MET B 417 90.12 0.93 -24.52
N LYS B 418 90.08 1.92 -23.63
CA LYS B 418 90.22 1.70 -22.20
C LYS B 418 88.85 1.90 -21.53
N ASP B 419 87.82 2.21 -22.34
CA ASP B 419 86.47 2.43 -21.83
C ASP B 419 86.11 1.24 -20.94
N PRO B 420 85.33 1.48 -19.87
CA PRO B 420 84.96 0.38 -18.96
C PRO B 420 84.48 -0.83 -19.73
N SER B 421 83.76 -0.56 -20.82
CA SER B 421 83.25 -1.69 -21.56
C SER B 421 83.98 -2.36 -22.74
N VAL B 422 84.10 -3.66 -22.53
CA VAL B 422 84.63 -4.62 -23.45
C VAL B 422 83.92 -4.43 -24.79
N VAL B 423 82.59 -4.40 -24.78
CA VAL B 423 81.86 -4.18 -26.02
C VAL B 423 82.47 -2.93 -26.67
N VAL B 424 82.39 -1.81 -25.94
CA VAL B 424 82.99 -0.57 -26.42
C VAL B 424 84.49 -0.71 -26.71
N ARG B 425 85.20 -1.32 -25.79
CA ARG B 425 86.64 -1.58 -25.92
C ARG B 425 86.89 -2.38 -27.18
N ASP B 426 86.08 -3.41 -27.38
CA ASP B 426 86.22 -4.29 -28.53
C ASP B 426 85.99 -3.54 -29.82
N THR B 427 84.95 -2.72 -29.82
CA THR B 427 84.59 -1.91 -30.98
C THR B 427 85.71 -0.92 -31.30
N ALA B 428 86.03 -0.07 -30.32
CA ALA B 428 87.07 0.92 -30.45
C ALA B 428 88.30 0.29 -31.09
N ALA B 429 88.61 -0.91 -30.64
CA ALA B 429 89.74 -1.65 -31.14
C ALA B 429 89.59 -1.86 -32.65
N TRP B 430 88.46 -2.45 -33.03
CA TRP B 430 88.16 -2.71 -34.44
C TRP B 430 88.34 -1.45 -35.29
N THR B 431 87.66 -0.38 -34.89
CA THR B 431 87.72 0.90 -35.57
C THR B 431 89.16 1.33 -35.76
N VAL B 432 89.85 1.50 -34.64
CA VAL B 432 91.25 1.91 -34.66
C VAL B 432 92.06 0.99 -35.58
N GLY B 433 91.71 -0.30 -35.57
CA GLY B 433 92.40 -1.24 -36.41
C GLY B 433 92.23 -0.91 -37.87
N ARG B 434 91.00 -0.54 -38.25
CA ARG B 434 90.68 -0.19 -39.63
C ARG B 434 91.43 1.06 -40.08
N ILE B 435 91.58 2.01 -39.16
CA ILE B 435 92.29 3.26 -39.46
C ILE B 435 93.75 3.02 -39.80
N CYS B 436 94.49 2.47 -38.85
CA CYS B 436 95.92 2.19 -39.03
C CYS B 436 96.06 1.43 -40.33
N GLU B 437 95.15 0.49 -40.55
CA GLU B 437 95.15 -0.30 -41.76
C GLU B 437 94.96 0.68 -42.92
N LEU B 438 94.22 1.76 -42.65
CA LEU B 438 93.99 2.79 -43.64
C LEU B 438 95.03 3.88 -43.46
N LEU B 439 94.69 5.10 -43.83
CA LEU B 439 95.68 6.17 -43.74
C LEU B 439 96.86 5.60 -44.50
N PRO B 440 96.70 5.39 -45.83
CA PRO B 440 97.76 4.84 -46.66
C PRO B 440 99.15 5.38 -46.33
N GLU B 441 99.35 6.62 -46.44
N GLY C 4 49.66 -52.09 -58.44
CA GLY C 4 50.06 -51.59 -57.08
C GLY C 4 51.36 -52.18 -56.55
N LEU C 5 51.49 -52.25 -55.22
CA LEU C 5 52.69 -52.81 -54.62
C LEU C 5 52.78 -54.31 -54.85
N PHE C 6 51.67 -55.00 -54.61
CA PHE C 6 51.63 -56.44 -54.80
C PHE C 6 51.04 -56.81 -56.14
N GLY C 7 51.16 -58.10 -56.49
CA GLY C 7 50.65 -58.61 -57.76
C GLY C 7 50.14 -57.52 -58.68
N SER C 8 50.96 -56.68 -59.10
N GLY D 4 -42.80 17.46 81.08
CA GLY D 4 -42.96 16.29 80.15
C GLY D 4 -43.91 15.24 80.70
N LEU D 5 -43.79 14.01 80.21
CA LEU D 5 -44.66 12.93 80.67
C LEU D 5 -44.40 12.59 82.12
N PHE D 6 -43.12 12.46 82.46
CA PHE D 6 -42.72 12.11 83.82
C PHE D 6 -42.33 13.36 84.60
N GLY D 7 -42.19 13.19 85.92
CA GLY D 7 -41.81 14.30 86.79
C GLY D 7 -41.79 15.65 86.09
N SER D 8 -42.87 16.10 85.63
N LEU E 5 -48.97 37.83 51.70
CA LEU E 5 -49.41 37.82 50.26
C LEU E 5 -50.90 38.17 50.21
N PHE E 6 -51.68 37.47 51.03
CA PHE E 6 -53.12 37.66 51.14
C PHE E 6 -53.41 38.31 52.50
N GLY E 7 -54.09 39.45 52.49
CA GLY E 7 -54.42 40.17 53.71
C GLY E 7 -54.81 41.61 53.41
N SER E 8 -55.79 41.81 52.66
N LEU F 5 44.78 -16.71 -65.44
CA LEU F 5 45.09 -15.34 -64.92
C LEU F 5 46.40 -14.83 -65.58
N PHE F 6 47.49 -15.57 -65.37
CA PHE F 6 48.78 -15.27 -65.94
C PHE F 6 48.97 -16.25 -67.08
N GLY F 7 49.12 -15.73 -68.30
CA GLY F 7 49.31 -16.59 -69.47
C GLY F 7 48.39 -17.81 -69.55
N SER F 8 47.15 -17.63 -69.59
#